data_9KBE
#
_entry.id   9KBE
#
_cell.length_a   84.289
_cell.length_b   105.340
_cell.length_c   89.468
_cell.angle_alpha   90.000
_cell.angle_beta   114.521
_cell.angle_gamma   90.000
#
_symmetry.space_group_name_H-M   'P 1 21 1'
#
loop_
_entity.id
_entity.type
_entity.pdbx_description
1 polymer 'Trehalose monomycolate exporter MmpL3'
2 non-polymer N-cycloheptyl-4,6-dimethyl-1H-indole-2-carboxamide
3 non-polymer DODECYL-BETA-D-MALTOSIDE
4 water water
#
_entity_poly.entity_id   1
_entity_poly.type   'polypeptide(L)'
_entity_poly.pdbx_seq_one_letter_code
;MFAWWGRTVYQFRYIVIGVMVALCLGGGVYGISLGNHVTQSGFYDEGSQSVAASLIGDEVYGRDRTSHVVAILTPPDDKK
VTDKAWQKKVTEELDQVVKDHEDQIVGWVGWLKAPDTTDPTVSAMKTQDLRHTFISIPLQGDDDDEILKNYQVVEPELQQ
VNGGDIRLAGLNPLASELTGTIGEDQKRAEVAAIPLVAVVLFFVFGTVIAAALPAIIGGLAIAGALGIMRLVAEFTPVHF
FAQPVVTLIGLGIAIDYGLFIVSRFREEIAEGYDTEAAVRRTVMTSGRTVVFSAVIIVASSVPLLLFPQGFLKSITYAII
ASVMLAAILSITVLAAALAILGPRVDALGVTTLLKIPFLANWQFSRRIIDWFAEKTQKTKTREEVERGFWGRLVNVVMKR
PIAFAAPILVVMVLLIIPLGQLSLGGISEKYLPPDNAVRQSQEQFDKLFPGFRTEPLTLVMKREDGEPITDAQIADMRAK
ALTVSGFTDPDNDPEKMWKERPANDSGSKDPSVRVIQNGLENRNDAAKKIDELRALQPPHGIEVFVGGTPALEQDSIHSL
FDKLPLMALILIVTTTVLMFLAFGSVVLPIKAALMSALTLGSTMGILTWMFVDGHGSGLMNYTPQPLMAPMIGLIIAVIW
GLSTDYEVFLVSRMVEARERGMSTAEAIRIGTATTGRLITGAALILAVVAGAFVFSDLVMMKYLAFGLLIALLLDATIIR
MFLVPAVMKLLGDDCWWAPRWMKRVQEKLGLGETELPDERKRPTVRESETDQRHHHHHH
;
_entity_poly.pdbx_strand_id   A
#
loop_
_chem_comp.id
_chem_comp.type
_chem_comp.name
_chem_comp.formula
A1L5O non-polymer N-cycloheptyl-4,6-dimethyl-1H-indole-2-carboxamide 'C18 H24 N2 O'
LMT D-saccharide DODECYL-BETA-D-MALTOSIDE 'C24 H46 O11'
#
# COMPACT_ATOMS: atom_id res chain seq x y z
N MET A 1 -28.31 14.11 -19.67
CA MET A 1 -27.15 13.24 -19.70
C MET A 1 -27.41 11.96 -18.93
N PHE A 2 -27.59 12.09 -17.62
CA PHE A 2 -27.99 10.94 -16.82
C PHE A 2 -29.42 10.51 -17.16
N ALA A 3 -30.28 11.46 -17.54
CA ALA A 3 -31.60 11.12 -18.06
C ALA A 3 -31.49 10.25 -19.29
N TRP A 4 -30.66 10.67 -20.26
CA TRP A 4 -30.54 9.95 -21.52
C TRP A 4 -29.96 8.55 -21.32
N TRP A 5 -28.94 8.44 -20.46
CA TRP A 5 -28.35 7.12 -20.24
C TRP A 5 -29.32 6.20 -19.51
N GLY A 6 -30.09 6.75 -18.57
CA GLY A 6 -31.06 5.94 -17.85
C GLY A 6 -32.08 5.30 -18.77
N ARG A 7 -32.51 6.02 -19.80
CA ARG A 7 -33.38 5.42 -20.81
C ARG A 7 -32.60 4.48 -21.72
N THR A 8 -31.40 4.88 -22.13
CA THR A 8 -30.61 4.08 -23.06
C THR A 8 -30.18 2.76 -22.44
N VAL A 9 -29.78 2.77 -21.16
CA VAL A 9 -29.35 1.53 -20.51
C VAL A 9 -30.52 0.55 -20.43
N TYR A 10 -31.74 1.05 -20.26
CA TYR A 10 -32.90 0.16 -20.32
C TYR A 10 -33.10 -0.40 -21.71
N GLN A 11 -33.05 0.46 -22.74
CA GLN A 11 -33.36 0.02 -24.10
C GLN A 11 -32.40 -1.06 -24.57
N PHE A 12 -31.11 -0.92 -24.28
CA PHE A 12 -30.08 -1.86 -24.73
C PHE A 12 -29.53 -2.68 -23.57
N ARG A 13 -30.41 -3.06 -22.63
CA ARG A 13 -29.97 -3.71 -21.40
C ARG A 13 -29.23 -5.01 -21.69
N TYR A 14 -29.71 -5.80 -22.67
CA TYR A 14 -29.05 -7.06 -22.98
C TYR A 14 -27.69 -6.83 -23.63
N ILE A 15 -27.61 -5.87 -24.55
CA ILE A 15 -26.35 -5.55 -25.19
C ILE A 15 -25.36 -5.01 -24.17
N VAL A 16 -25.84 -4.18 -23.24
CA VAL A 16 -24.96 -3.55 -22.26
C VAL A 16 -24.34 -4.61 -21.36
N ILE A 17 -25.15 -5.54 -20.86
CA ILE A 17 -24.63 -6.58 -19.99
C ILE A 17 -23.63 -7.45 -20.74
N GLY A 18 -23.98 -7.85 -21.97
CA GLY A 18 -23.11 -8.73 -22.73
C GLY A 18 -21.76 -8.11 -23.02
N VAL A 19 -21.75 -6.85 -23.45
CA VAL A 19 -20.50 -6.19 -23.80
C VAL A 19 -19.64 -5.95 -22.57
N MET A 20 -20.27 -5.44 -21.49
CA MET A 20 -19.50 -5.09 -20.30
C MET A 20 -18.93 -6.33 -19.62
N VAL A 21 -19.73 -7.40 -19.52
CA VAL A 21 -19.26 -8.61 -18.86
C VAL A 21 -18.13 -9.24 -19.66
N ALA A 22 -18.26 -9.27 -20.99
CA ALA A 22 -17.20 -9.83 -21.83
C ALA A 22 -15.91 -9.03 -21.69
N LEU A 23 -16.02 -7.70 -21.65
CA LEU A 23 -14.84 -6.87 -21.48
C LEU A 23 -14.16 -7.12 -20.15
N CYS A 24 -14.94 -7.26 -19.08
CA CYS A 24 -14.37 -7.49 -17.76
C CYS A 24 -13.78 -8.88 -17.64
N LEU A 25 -14.51 -9.90 -18.10
CA LEU A 25 -13.97 -11.26 -18.08
C LEU A 25 -12.75 -11.37 -18.98
N GLY A 26 -12.80 -10.75 -20.16
CA GLY A 26 -11.63 -10.75 -21.02
C GLY A 26 -10.45 -10.02 -20.40
N GLY A 27 -10.73 -8.91 -19.70
CA GLY A 27 -9.67 -8.25 -18.96
C GLY A 27 -9.13 -9.11 -17.83
N GLY A 28 -10.01 -9.84 -17.14
CA GLY A 28 -9.57 -10.73 -16.08
C GLY A 28 -8.65 -11.82 -16.59
N VAL A 29 -8.98 -12.41 -17.73
CA VAL A 29 -8.10 -13.43 -18.31
C VAL A 29 -6.75 -12.81 -18.66
N TYR A 30 -6.76 -11.62 -19.26
CA TYR A 30 -5.52 -10.90 -19.55
C TYR A 30 -4.79 -10.54 -18.26
N GLY A 31 -5.51 -10.23 -17.19
CA GLY A 31 -4.93 -9.83 -15.93
C GLY A 31 -4.39 -10.96 -15.06
N ILE A 32 -4.57 -12.22 -15.47
CA ILE A 32 -4.06 -13.34 -14.69
C ILE A 32 -2.54 -13.28 -14.61
N SER A 33 -1.88 -12.95 -15.71
CA SER A 33 -0.43 -12.91 -15.78
C SER A 33 0.17 -11.61 -15.24
N LEU A 34 -0.61 -10.79 -14.51
CA LEU A 34 -0.05 -9.54 -13.99
C LEU A 34 1.10 -9.80 -13.02
N GLY A 35 0.97 -10.82 -12.17
CA GLY A 35 1.98 -11.11 -11.18
C GLY A 35 3.33 -11.46 -11.76
N ASN A 36 3.38 -11.85 -13.03
CA ASN A 36 4.62 -12.13 -13.73
C ASN A 36 5.15 -10.91 -14.47
N HIS A 37 4.52 -9.74 -14.33
CA HIS A 37 4.94 -8.54 -15.05
C HIS A 37 5.06 -7.33 -14.13
N VAL A 38 5.20 -7.56 -12.82
CA VAL A 38 5.34 -6.47 -11.87
C VAL A 38 6.80 -6.38 -11.42
N THR A 39 7.16 -5.26 -10.81
CA THR A 39 8.52 -4.96 -10.39
C THR A 39 8.56 -4.65 -8.90
N GLN A 40 9.72 -4.89 -8.27
CA GLN A 40 9.91 -4.52 -6.88
C GLN A 40 10.56 -3.16 -6.69
N SER A 41 10.96 -2.50 -7.77
CA SER A 41 11.51 -1.16 -7.64
C SER A 41 10.39 -0.13 -7.59
N GLY A 42 10.71 1.02 -7.00
CA GLY A 42 9.75 2.10 -6.91
C GLY A 42 9.72 2.79 -5.56
N PHE A 43 10.45 2.22 -4.59
CA PHE A 43 10.53 2.81 -3.26
C PHE A 43 11.52 3.97 -3.18
N TYR A 44 12.40 4.12 -4.16
CA TYR A 44 13.45 5.13 -4.10
C TYR A 44 13.15 6.26 -5.08
N ASP A 45 13.95 7.32 -4.96
CA ASP A 45 13.88 8.47 -5.86
C ASP A 45 14.96 8.28 -6.93
N GLU A 46 14.53 8.07 -8.18
CA GLU A 46 15.46 7.76 -9.26
C GLU A 46 16.41 8.91 -9.58
N GLY A 47 16.09 10.13 -9.17
CA GLY A 47 16.96 11.27 -9.39
C GLY A 47 17.84 11.62 -8.22
N SER A 48 17.95 10.76 -7.21
CA SER A 48 18.68 11.07 -6.01
C SER A 48 20.17 10.79 -6.18
N GLN A 49 20.97 11.38 -5.29
CA GLN A 49 22.42 11.15 -5.34
C GLN A 49 22.76 9.70 -5.03
N SER A 50 22.01 9.07 -4.12
CA SER A 50 22.30 7.69 -3.73
C SER A 50 22.04 6.73 -4.89
N VAL A 51 21.02 7.00 -5.70
CA VAL A 51 20.76 6.15 -6.87
C VAL A 51 21.90 6.28 -7.86
N ALA A 52 22.37 7.52 -8.12
CA ALA A 52 23.54 7.71 -8.96
C ALA A 52 24.75 7.00 -8.39
N ALA A 53 24.92 7.05 -7.07
CA ALA A 53 26.02 6.36 -6.42
C ALA A 53 25.96 4.85 -6.67
N SER A 54 24.76 4.28 -6.60
CA SER A 54 24.60 2.84 -6.82
C SER A 54 24.86 2.45 -8.27
N LEU A 55 24.45 3.30 -9.21
CA LEU A 55 24.70 3.02 -10.61
C LEU A 55 26.19 3.08 -10.93
N ILE A 56 26.90 4.08 -10.43
CA ILE A 56 28.34 4.16 -10.65
C ILE A 56 29.03 2.96 -10.01
N GLY A 57 28.67 2.63 -8.77
CA GLY A 57 29.33 1.53 -8.09
C GLY A 57 29.18 0.21 -8.83
N ASP A 58 27.95 -0.10 -9.26
CA ASP A 58 27.70 -1.33 -10.01
C ASP A 58 28.43 -1.33 -11.35
N GLU A 59 28.44 -0.20 -12.04
CA GLU A 59 29.14 -0.14 -13.34
C GLU A 59 30.64 -0.38 -13.16
N VAL A 60 31.25 0.20 -12.13
CA VAL A 60 32.72 0.13 -12.03
C VAL A 60 33.16 -1.14 -11.34
N TYR A 61 32.51 -1.52 -10.24
CA TYR A 61 32.90 -2.69 -9.46
C TYR A 61 32.13 -3.94 -9.82
N GLY A 62 31.00 -3.81 -10.51
CA GLY A 62 30.22 -5.00 -10.83
C GLY A 62 29.13 -5.25 -9.80
N ARG A 63 28.01 -5.79 -10.30
CA ARG A 63 26.90 -6.10 -9.42
C ARG A 63 27.33 -7.15 -8.39
N ASP A 64 26.99 -6.90 -7.14
CA ASP A 64 27.32 -7.83 -6.06
C ASP A 64 26.25 -8.92 -6.02
N ARG A 65 26.66 -10.15 -6.30
CA ARG A 65 25.76 -11.29 -6.34
C ARG A 65 25.92 -12.23 -5.14
N THR A 66 26.81 -11.90 -4.19
CA THR A 66 27.09 -12.82 -3.10
C THR A 66 25.95 -12.89 -2.08
N SER A 67 25.04 -11.91 -2.08
CA SER A 67 23.92 -11.89 -1.15
C SER A 67 22.63 -12.40 -1.78
N HIS A 68 22.68 -12.86 -3.03
CA HIS A 68 21.49 -13.33 -3.71
C HIS A 68 20.81 -14.46 -2.94
N VAL A 69 21.57 -15.47 -2.56
CA VAL A 69 21.08 -16.61 -1.79
C VAL A 69 22.20 -17.05 -0.86
N VAL A 70 21.88 -17.28 0.41
CA VAL A 70 22.78 -17.94 1.34
C VAL A 70 22.05 -19.13 1.91
N ALA A 71 22.72 -20.27 1.97
CA ALA A 71 22.09 -21.52 2.38
C ALA A 71 22.88 -22.12 3.53
N ILE A 72 22.23 -22.30 4.66
CA ILE A 72 22.85 -22.93 5.82
C ILE A 72 22.66 -24.44 5.72
N LEU A 73 23.75 -25.18 5.80
CA LEU A 73 23.72 -26.63 5.71
C LEU A 73 24.13 -27.24 7.03
N THR A 74 23.31 -28.14 7.55
CA THR A 74 23.57 -28.86 8.79
C THR A 74 23.67 -30.35 8.48
N PRO A 75 24.80 -31.00 8.79
CA PRO A 75 24.88 -32.44 8.55
C PRO A 75 23.91 -33.19 9.41
N PRO A 76 23.38 -34.31 8.93
CA PRO A 76 22.45 -35.11 9.73
C PRO A 76 23.18 -35.99 10.73
N ASP A 77 22.40 -36.56 11.66
CA ASP A 77 22.88 -37.52 12.64
C ASP A 77 24.03 -36.94 13.48
N ASP A 78 23.94 -35.65 13.79
CA ASP A 78 24.89 -34.94 14.65
C ASP A 78 26.31 -34.95 14.08
N LYS A 79 26.47 -35.21 12.78
CA LYS A 79 27.80 -35.18 12.18
C LYS A 79 28.30 -33.74 12.07
N LYS A 80 29.61 -33.60 11.98
CA LYS A 80 30.24 -32.30 11.80
C LYS A 80 30.49 -32.03 10.31
N VAL A 81 30.62 -30.75 9.98
CA VAL A 81 30.80 -30.36 8.59
C VAL A 81 32.13 -30.82 8.01
N THR A 82 33.04 -31.32 8.85
CA THR A 82 34.30 -31.88 8.39
C THR A 82 34.18 -33.32 7.93
N ASP A 83 33.00 -33.93 8.07
CA ASP A 83 32.73 -35.26 7.54
C ASP A 83 32.97 -35.28 6.03
N LYS A 84 34.01 -36.01 5.60
CA LYS A 84 34.39 -36.00 4.19
C LYS A 84 33.32 -36.65 3.32
N ALA A 85 32.72 -37.75 3.81
CA ALA A 85 31.63 -38.38 3.07
C ALA A 85 30.44 -37.43 2.93
N TRP A 86 30.10 -36.71 3.99
CA TRP A 86 28.99 -35.75 3.89
C TRP A 86 29.34 -34.62 2.93
N GLN A 87 30.58 -34.13 2.98
CA GLN A 87 31.00 -33.05 2.08
C GLN A 87 30.83 -33.47 0.62
N LYS A 88 31.28 -34.68 0.28
CA LYS A 88 31.18 -35.15 -1.10
C LYS A 88 29.73 -35.26 -1.55
N LYS A 89 28.85 -35.78 -0.70
CA LYS A 89 27.45 -35.97 -1.08
C LYS A 89 26.76 -34.63 -1.33
N VAL A 90 26.94 -33.65 -0.43
CA VAL A 90 26.26 -32.37 -0.63
C VAL A 90 26.90 -31.60 -1.78
N THR A 91 28.21 -31.73 -1.97
CA THR A 91 28.88 -31.06 -3.08
C THR A 91 28.36 -31.56 -4.41
N GLU A 92 28.18 -32.88 -4.55
CA GLU A 92 27.66 -33.42 -5.79
C GLU A 92 26.23 -32.95 -6.06
N GLU A 93 25.41 -32.89 -5.01
CA GLU A 93 24.03 -32.42 -5.19
C GLU A 93 23.99 -30.97 -5.66
N LEU A 94 24.80 -30.11 -5.04
CA LEU A 94 24.84 -28.71 -5.43
C LEU A 94 25.37 -28.54 -6.86
N ASP A 95 26.39 -29.32 -7.23
CA ASP A 95 26.90 -29.27 -8.59
C ASP A 95 25.83 -29.67 -9.60
N GLN A 96 25.00 -30.67 -9.25
CA GLN A 96 23.94 -31.10 -10.15
C GLN A 96 22.89 -30.01 -10.34
N VAL A 97 22.52 -29.32 -9.25
CA VAL A 97 21.53 -28.25 -9.38
C VAL A 97 22.06 -27.15 -10.27
N VAL A 98 23.33 -26.77 -10.10
CA VAL A 98 23.91 -25.72 -10.93
C VAL A 98 23.96 -26.16 -12.39
N LYS A 99 24.37 -27.42 -12.64
CA LYS A 99 24.46 -27.91 -14.01
C LYS A 99 23.09 -27.98 -14.69
N ASP A 100 22.05 -28.27 -13.93
CA ASP A 100 20.70 -28.33 -14.49
C ASP A 100 20.07 -26.96 -14.68
N HIS A 101 20.65 -25.91 -14.12
CA HIS A 101 20.02 -24.59 -14.11
C HIS A 101 21.06 -23.50 -14.36
N GLU A 102 21.92 -23.73 -15.35
CA GLU A 102 23.00 -22.77 -15.61
C GLU A 102 22.46 -21.44 -16.12
N ASP A 103 21.29 -21.45 -16.78
CA ASP A 103 20.65 -20.21 -17.18
C ASP A 103 20.22 -19.37 -15.98
N GLN A 104 20.04 -19.98 -14.81
CA GLN A 104 19.54 -19.30 -13.63
C GLN A 104 20.59 -19.08 -12.55
N ILE A 105 21.56 -19.96 -12.42
CA ILE A 105 22.53 -19.93 -11.34
C ILE A 105 23.92 -19.72 -11.92
N VAL A 106 24.64 -18.73 -11.40
CA VAL A 106 26.04 -18.56 -11.78
C VAL A 106 26.89 -19.69 -11.21
N GLY A 107 26.65 -20.04 -9.96
CA GLY A 107 27.43 -21.07 -9.30
C GLY A 107 27.19 -20.97 -7.79
N TRP A 108 27.96 -21.75 -7.05
CA TRP A 108 27.92 -21.67 -5.60
C TRP A 108 29.34 -21.58 -5.07
N VAL A 109 29.51 -20.87 -3.96
CA VAL A 109 30.82 -20.65 -3.36
C VAL A 109 30.71 -20.83 -1.85
N GLY A 110 31.83 -21.17 -1.23
CA GLY A 110 31.84 -21.27 0.22
C GLY A 110 32.94 -22.19 0.71
N TRP A 111 32.96 -22.35 2.04
CA TRP A 111 33.96 -23.20 2.67
C TRP A 111 33.89 -24.64 2.15
N LEU A 112 32.68 -25.11 1.79
CA LEU A 112 32.51 -26.48 1.33
C LEU A 112 33.28 -26.74 0.03
N LYS A 113 33.51 -25.70 -0.77
CA LYS A 113 34.28 -25.88 -2.00
C LYS A 113 35.80 -25.87 -1.76
N ALA A 114 36.26 -25.45 -0.59
CA ALA A 114 37.68 -25.49 -0.24
C ALA A 114 37.84 -25.67 1.26
N PRO A 115 37.57 -26.88 1.77
CA PRO A 115 37.63 -27.09 3.23
C PRO A 115 38.99 -26.83 3.84
N ASP A 116 40.08 -27.03 3.09
CA ASP A 116 41.42 -26.84 3.60
C ASP A 116 41.91 -25.40 3.45
N THR A 117 40.99 -24.44 3.28
CA THR A 117 41.37 -23.06 3.08
C THR A 117 41.98 -22.46 4.34
N THR A 118 42.78 -21.42 4.15
CA THR A 118 43.32 -20.64 5.25
C THR A 118 42.78 -19.22 5.29
N ASP A 119 41.89 -18.87 4.37
CA ASP A 119 41.30 -17.53 4.35
C ASP A 119 40.42 -17.33 5.57
N PRO A 120 40.66 -16.30 6.39
CA PRO A 120 39.84 -16.14 7.60
C PRO A 120 38.36 -15.93 7.34
N THR A 121 38.02 -15.23 6.25
CA THR A 121 36.61 -15.00 5.95
C THR A 121 35.92 -16.27 5.47
N VAL A 122 36.57 -16.99 4.56
CA VAL A 122 36.02 -18.27 4.08
C VAL A 122 35.95 -19.27 5.22
N SER A 123 36.98 -19.32 6.06
CA SER A 123 36.97 -20.21 7.21
C SER A 123 35.89 -19.82 8.21
N ALA A 124 35.40 -18.59 8.15
CA ALA A 124 34.33 -18.14 9.03
C ALA A 124 32.95 -18.52 8.50
N MET A 125 32.88 -19.16 7.33
CA MET A 125 31.62 -19.62 6.77
C MET A 125 31.15 -20.93 7.40
N LYS A 126 31.84 -21.40 8.44
CA LYS A 126 31.40 -22.54 9.24
C LYS A 126 31.43 -22.13 10.71
N THR A 127 30.54 -22.72 11.49
CA THR A 127 30.45 -22.39 12.90
C THR A 127 31.60 -23.01 13.68
N GLN A 128 31.83 -22.48 14.88
CA GLN A 128 32.90 -22.98 15.73
C GLN A 128 32.66 -24.42 16.16
N ASP A 129 31.40 -24.80 16.39
CA ASP A 129 31.08 -26.17 16.77
C ASP A 129 31.04 -27.13 15.59
N LEU A 130 31.36 -26.64 14.38
CA LEU A 130 31.43 -27.46 13.17
C LEU A 130 30.10 -28.13 12.84
N ARG A 131 28.99 -27.62 13.37
CA ARG A 131 27.69 -28.19 13.10
C ARG A 131 26.94 -27.49 11.98
N HIS A 132 27.40 -26.31 11.55
CA HIS A 132 26.73 -25.56 10.49
C HIS A 132 27.76 -24.88 9.61
N THR A 133 27.51 -24.91 8.30
CA THR A 133 28.28 -24.14 7.34
C THR A 133 27.33 -23.59 6.29
N PHE A 134 27.68 -22.44 5.73
CA PHE A 134 26.81 -21.81 4.75
C PHE A 134 27.55 -21.57 3.45
N ILE A 135 26.78 -21.46 2.37
CA ILE A 135 27.28 -21.21 1.03
C ILE A 135 26.48 -20.06 0.45
N SER A 136 27.08 -19.41 -0.54
CA SER A 136 26.42 -18.35 -1.29
C SER A 136 26.13 -18.87 -2.70
N ILE A 137 24.95 -18.56 -3.22
CA ILE A 137 24.57 -19.05 -4.55
C ILE A 137 24.20 -17.88 -5.45
N PRO A 138 25.19 -17.22 -6.06
CA PRO A 138 24.88 -16.11 -6.98
C PRO A 138 24.00 -16.58 -8.14
N LEU A 139 23.08 -15.72 -8.54
CA LEU A 139 22.14 -16.02 -9.61
C LEU A 139 22.40 -15.13 -10.81
N GLN A 140 21.91 -15.59 -11.97
CA GLN A 140 21.98 -14.81 -13.19
C GLN A 140 20.87 -13.77 -13.23
N GLY A 141 21.09 -12.74 -14.04
CA GLY A 141 20.08 -11.72 -14.29
C GLY A 141 20.69 -10.33 -14.26
N ASP A 142 20.10 -9.43 -15.04
CA ASP A 142 20.57 -8.05 -15.14
C ASP A 142 19.81 -7.08 -14.27
N ASP A 143 18.72 -7.51 -13.64
CA ASP A 143 17.97 -6.66 -12.72
C ASP A 143 17.34 -7.55 -11.65
N ASP A 144 16.87 -6.90 -10.59
CA ASP A 144 16.36 -7.62 -9.42
C ASP A 144 15.14 -8.46 -9.76
N ASP A 145 14.27 -7.97 -10.66
CA ASP A 145 13.09 -8.76 -11.04
C ASP A 145 13.49 -10.04 -11.76
N GLU A 146 14.43 -9.94 -12.70
CA GLU A 146 14.89 -11.13 -13.41
C GLU A 146 15.60 -12.09 -12.46
N ILE A 147 16.38 -11.56 -11.52
CA ILE A 147 17.10 -12.40 -10.56
C ILE A 147 16.11 -13.14 -9.67
N LEU A 148 15.06 -12.46 -9.20
CA LEU A 148 14.05 -13.12 -8.38
C LEU A 148 13.36 -14.24 -9.16
N LYS A 149 13.02 -13.99 -10.42
CA LYS A 149 12.40 -15.03 -11.23
C LYS A 149 13.32 -16.24 -11.38
N ASN A 150 14.63 -15.98 -11.56
CA ASN A 150 15.58 -17.09 -11.64
C ASN A 150 15.61 -17.87 -10.34
N TYR A 151 15.54 -17.17 -9.20
CA TYR A 151 15.52 -17.87 -7.91
C TYR A 151 14.30 -18.77 -7.80
N GLN A 152 13.12 -18.28 -8.19
CA GLN A 152 11.92 -19.08 -8.03
C GLN A 152 11.91 -20.29 -8.96
N VAL A 153 12.72 -20.27 -10.02
CA VAL A 153 12.83 -21.45 -10.87
C VAL A 153 13.59 -22.56 -10.14
N VAL A 154 14.69 -22.21 -9.47
CA VAL A 154 15.57 -23.23 -8.90
C VAL A 154 15.26 -23.54 -7.44
N GLU A 155 14.42 -22.73 -6.77
CA GLU A 155 14.16 -22.95 -5.36
C GLU A 155 13.69 -24.36 -5.04
N PRO A 156 12.74 -24.96 -5.77
CA PRO A 156 12.27 -26.31 -5.37
C PRO A 156 13.39 -27.35 -5.35
N GLU A 157 14.32 -27.32 -6.30
CA GLU A 157 15.41 -28.27 -6.29
C GLU A 157 16.47 -27.92 -5.24
N LEU A 158 16.71 -26.63 -5.01
CA LEU A 158 17.65 -26.23 -3.97
C LEU A 158 17.20 -26.69 -2.60
N GLN A 159 15.88 -26.59 -2.32
CA GLN A 159 15.33 -26.97 -1.03
C GLN A 159 15.45 -28.47 -0.75
N GLN A 160 15.65 -29.29 -1.78
CA GLN A 160 15.84 -30.72 -1.59
C GLN A 160 17.29 -31.10 -1.30
N VAL A 161 18.23 -30.17 -1.39
CA VAL A 161 19.63 -30.48 -1.14
C VAL A 161 19.81 -30.91 0.32
N ASN A 162 20.72 -31.86 0.55
CA ASN A 162 21.04 -32.34 1.89
C ASN A 162 19.80 -32.90 2.59
N GLY A 163 19.04 -33.72 1.86
CA GLY A 163 17.84 -34.32 2.42
C GLY A 163 16.78 -33.33 2.86
N GLY A 164 16.80 -32.11 2.33
CA GLY A 164 15.91 -31.07 2.78
C GLY A 164 16.41 -30.27 3.97
N ASP A 165 17.52 -30.67 4.58
CA ASP A 165 18.06 -29.97 5.75
C ASP A 165 18.94 -28.81 5.29
N ILE A 166 18.32 -27.88 4.57
CA ILE A 166 18.98 -26.70 4.05
C ILE A 166 18.07 -25.51 4.27
N ARG A 167 18.61 -24.43 4.83
CA ARG A 167 17.84 -23.23 5.14
C ARG A 167 18.28 -22.12 4.20
N LEU A 168 17.33 -21.62 3.41
CA LEU A 168 17.60 -20.62 2.39
C LEU A 168 17.30 -19.23 2.92
N ALA A 169 18.26 -18.33 2.84
CA ALA A 169 18.06 -16.94 3.23
C ALA A 169 18.80 -16.03 2.25
N GLY A 170 18.87 -14.75 2.58
CA GLY A 170 19.41 -13.76 1.65
C GLY A 170 18.30 -13.01 0.93
N LEU A 171 18.72 -12.27 -0.10
CA LEU A 171 17.83 -11.32 -0.77
C LEU A 171 16.62 -12.02 -1.38
N ASN A 172 16.87 -13.05 -2.18
CA ASN A 172 15.83 -13.59 -3.02
C ASN A 172 14.86 -14.50 -2.28
N PRO A 173 15.32 -15.38 -1.38
CA PRO A 173 14.33 -16.11 -0.56
C PRO A 173 13.39 -15.19 0.20
N LEU A 174 13.89 -14.07 0.72
CA LEU A 174 13.02 -13.14 1.41
C LEU A 174 12.17 -12.34 0.43
N ALA A 175 12.75 -11.92 -0.70
CA ALA A 175 11.96 -11.19 -1.70
C ALA A 175 10.84 -12.08 -2.25
N SER A 176 11.10 -13.37 -2.43
CA SER A 176 10.06 -14.28 -2.86
C SER A 176 8.96 -14.39 -1.82
N GLU A 177 9.34 -14.47 -0.54
CA GLU A 177 8.34 -14.56 0.51
C GLU A 177 7.54 -13.27 0.65
N LEU A 178 8.21 -12.11 0.56
CA LEU A 178 7.52 -10.84 0.72
C LEU A 178 6.53 -10.61 -0.41
N THR A 179 6.95 -10.86 -1.65
CA THR A 179 6.01 -10.74 -2.76
C THR A 179 5.00 -11.88 -2.80
N GLY A 180 5.28 -13.01 -2.13
CA GLY A 180 4.34 -14.09 -2.08
C GLY A 180 3.11 -13.81 -1.23
N THR A 181 3.21 -12.86 -0.29
CA THR A 181 2.06 -12.48 0.52
C THR A 181 0.95 -11.86 -0.30
N ILE A 182 1.25 -11.38 -1.51
CA ILE A 182 0.23 -10.81 -2.38
C ILE A 182 -0.82 -11.86 -2.74
N GLY A 183 -0.36 -13.07 -3.09
CA GLY A 183 -1.29 -14.13 -3.42
C GLY A 183 -2.10 -14.59 -2.22
N GLU A 184 -1.48 -14.61 -1.04
CA GLU A 184 -2.20 -15.05 0.16
C GLU A 184 -3.29 -14.06 0.55
N ASP A 185 -2.98 -12.76 0.51
CA ASP A 185 -3.99 -11.76 0.83
C ASP A 185 -5.09 -11.73 -0.22
N GLN A 186 -4.77 -12.03 -1.49
CA GLN A 186 -5.76 -11.92 -2.55
C GLN A 186 -6.82 -13.01 -2.46
N LYS A 187 -6.40 -14.24 -2.14
CA LYS A 187 -7.37 -15.31 -1.96
C LYS A 187 -8.31 -15.00 -0.78
N ARG A 188 -7.82 -14.33 0.25
CA ARG A 188 -8.70 -13.92 1.35
C ARG A 188 -9.80 -12.97 0.86
N ALA A 189 -9.43 -12.00 0.03
CA ALA A 189 -10.39 -11.06 -0.52
C ALA A 189 -11.40 -11.74 -1.44
N GLU A 190 -11.04 -12.89 -2.01
CA GLU A 190 -11.92 -13.57 -2.95
C GLU A 190 -12.53 -14.87 -2.42
N VAL A 191 -12.09 -15.36 -1.26
CA VAL A 191 -12.61 -16.61 -0.72
C VAL A 191 -13.18 -16.38 0.68
N ALA A 192 -12.68 -15.37 1.39
CA ALA A 192 -13.16 -15.07 2.73
C ALA A 192 -13.92 -13.76 2.82
N ALA A 193 -13.46 -12.71 2.17
CA ALA A 193 -14.16 -11.43 2.22
C ALA A 193 -15.49 -11.50 1.48
N ILE A 194 -15.44 -11.85 0.18
CA ILE A 194 -16.66 -11.84 -0.63
C ILE A 194 -17.78 -12.66 0.00
N PRO A 195 -17.55 -13.88 0.51
CA PRO A 195 -18.63 -14.55 1.23
C PRO A 195 -19.15 -13.79 2.43
N LEU A 196 -18.26 -13.17 3.20
CA LEU A 196 -18.71 -12.38 4.35
C LEU A 196 -19.42 -11.10 3.89
N VAL A 197 -18.98 -10.51 2.79
CA VAL A 197 -19.71 -9.38 2.21
C VAL A 197 -21.12 -9.80 1.83
N ALA A 198 -21.27 -11.04 1.35
CA ALA A 198 -22.59 -11.52 0.95
C ALA A 198 -23.54 -11.61 2.15
N VAL A 199 -23.05 -12.15 3.28
CA VAL A 199 -23.92 -12.24 4.45
C VAL A 199 -24.20 -10.86 5.03
N VAL A 200 -23.26 -9.92 4.89
CA VAL A 200 -23.53 -8.55 5.33
C VAL A 200 -24.59 -7.92 4.43
N LEU A 201 -24.45 -8.10 3.11
CA LEU A 201 -25.42 -7.55 2.18
C LEU A 201 -26.80 -8.19 2.36
N PHE A 202 -26.84 -9.49 2.67
CA PHE A 202 -28.12 -10.14 2.93
C PHE A 202 -28.78 -9.57 4.17
N PHE A 203 -27.99 -9.22 5.19
CA PHE A 203 -28.55 -8.56 6.36
C PHE A 203 -29.05 -7.16 6.04
N VAL A 204 -28.51 -6.52 5.01
CA VAL A 204 -28.94 -5.18 4.64
C VAL A 204 -30.21 -5.23 3.80
N PHE A 205 -30.23 -6.09 2.80
CA PHE A 205 -31.32 -6.14 1.83
C PHE A 205 -32.42 -7.13 2.22
N GLY A 206 -32.04 -8.31 2.71
CA GLY A 206 -33.02 -9.33 3.04
C GLY A 206 -33.37 -10.27 1.91
N THR A 207 -32.86 -10.06 0.71
CA THR A 207 -33.13 -10.93 -0.43
C THR A 207 -31.83 -11.33 -1.10
N VAL A 208 -31.85 -12.51 -1.73
CA VAL A 208 -30.61 -13.10 -2.23
C VAL A 208 -30.06 -12.32 -3.42
N ILE A 209 -30.92 -12.02 -4.40
CA ILE A 209 -30.42 -11.39 -5.62
C ILE A 209 -29.94 -9.98 -5.36
N ALA A 210 -30.69 -9.22 -4.55
CA ALA A 210 -30.26 -7.87 -4.21
C ALA A 210 -28.92 -7.87 -3.47
N ALA A 211 -28.69 -8.88 -2.63
CA ALA A 211 -27.43 -8.96 -1.91
C ALA A 211 -26.30 -9.43 -2.82
N ALA A 212 -26.61 -10.28 -3.80
CA ALA A 212 -25.57 -10.84 -4.66
C ALA A 212 -25.04 -9.84 -5.68
N LEU A 213 -25.89 -8.94 -6.17
CA LEU A 213 -25.48 -8.06 -7.28
C LEU A 213 -24.29 -7.17 -6.93
N PRO A 214 -24.24 -6.48 -5.77
CA PRO A 214 -23.05 -5.69 -5.46
C PRO A 214 -21.77 -6.53 -5.39
N ALA A 215 -21.86 -7.76 -4.88
CA ALA A 215 -20.69 -8.62 -4.84
C ALA A 215 -20.21 -8.98 -6.25
N ILE A 216 -21.15 -9.25 -7.16
CA ILE A 216 -20.78 -9.57 -8.53
C ILE A 216 -20.11 -8.37 -9.19
N ILE A 217 -20.64 -7.17 -8.95
CA ILE A 217 -20.02 -5.97 -9.52
C ILE A 217 -18.59 -5.82 -9.01
N GLY A 218 -18.37 -6.09 -7.73
CA GLY A 218 -17.01 -6.03 -7.20
C GLY A 218 -16.08 -7.03 -7.87
N GLY A 219 -16.55 -8.26 -8.09
CA GLY A 219 -15.73 -9.23 -8.79
C GLY A 219 -15.41 -8.81 -10.20
N LEU A 220 -16.39 -8.27 -10.92
CA LEU A 220 -16.14 -7.78 -12.26
C LEU A 220 -15.17 -6.59 -12.23
N ALA A 221 -15.30 -5.74 -11.22
CA ALA A 221 -14.42 -4.58 -11.15
C ALA A 221 -12.97 -5.00 -10.94
N ILE A 222 -12.74 -5.98 -10.05
CA ILE A 222 -11.39 -6.52 -9.84
C ILE A 222 -10.85 -7.11 -11.13
N ALA A 223 -11.65 -7.93 -11.81
CA ALA A 223 -11.19 -8.61 -13.01
C ALA A 223 -10.76 -7.60 -14.07
N GLY A 224 -11.59 -6.58 -14.31
CA GLY A 224 -11.23 -5.59 -15.31
C GLY A 224 -10.05 -4.74 -14.92
N ALA A 225 -9.99 -4.36 -13.64
CA ALA A 225 -8.93 -3.46 -13.18
C ALA A 225 -7.57 -4.13 -13.24
N LEU A 226 -7.50 -5.41 -12.84
CA LEU A 226 -6.26 -6.17 -13.00
C LEU A 226 -5.84 -6.25 -14.46
N GLY A 227 -6.81 -6.39 -15.36
CA GLY A 227 -6.48 -6.37 -16.78
C GLY A 227 -5.97 -5.01 -17.24
N ILE A 228 -6.57 -3.93 -16.74
CA ILE A 228 -6.09 -2.59 -17.10
C ILE A 228 -4.66 -2.40 -16.59
N MET A 229 -4.39 -2.83 -15.35
CA MET A 229 -3.05 -2.70 -14.81
C MET A 229 -2.05 -3.55 -15.61
N ARG A 230 -2.48 -4.72 -16.07
CA ARG A 230 -1.64 -5.52 -16.96
C ARG A 230 -1.33 -4.75 -18.24
N LEU A 231 -2.33 -4.06 -18.80
CA LEU A 231 -2.07 -3.22 -19.97
C LEU A 231 -1.11 -2.10 -19.62
N VAL A 232 -1.25 -1.49 -18.44
CA VAL A 232 -0.38 -0.41 -18.03
C VAL A 232 1.06 -0.90 -17.91
N ALA A 233 1.24 -2.14 -17.46
CA ALA A 233 2.57 -2.71 -17.29
C ALA A 233 3.33 -2.83 -18.60
N GLU A 234 2.61 -2.92 -19.72
CA GLU A 234 3.26 -2.97 -21.02
C GLU A 234 3.98 -1.66 -21.38
N PHE A 235 3.58 -0.54 -20.77
CA PHE A 235 4.13 0.75 -21.12
C PHE A 235 5.00 1.38 -20.04
N THR A 236 4.79 1.03 -18.78
CA THR A 236 5.58 1.56 -17.67
C THR A 236 5.65 0.50 -16.59
N PRO A 237 6.74 0.46 -15.81
CA PRO A 237 6.82 -0.53 -14.72
C PRO A 237 5.71 -0.34 -13.70
N VAL A 238 5.14 -1.46 -13.25
CA VAL A 238 4.06 -1.46 -12.27
C VAL A 238 4.54 -2.21 -11.04
N HIS A 239 4.56 -1.52 -9.90
CA HIS A 239 5.01 -2.13 -8.66
C HIS A 239 4.06 -3.25 -8.24
N PHE A 240 4.63 -4.26 -7.59
CA PHE A 240 3.82 -5.43 -7.20
C PHE A 240 2.75 -5.09 -6.17
N PHE A 241 2.93 -4.02 -5.39
CA PHE A 241 1.95 -3.65 -4.38
C PHE A 241 0.70 -3.01 -4.98
N ALA A 242 0.74 -2.57 -6.24
CA ALA A 242 -0.45 -2.04 -6.88
C ALA A 242 -1.53 -3.11 -7.01
N GLN A 243 -1.15 -4.37 -6.96
CA GLN A 243 -2.08 -5.46 -7.20
C GLN A 243 -3.00 -5.71 -6.00
N PRO A 244 -2.48 -5.81 -4.76
CA PRO A 244 -3.39 -5.94 -3.61
C PRO A 244 -4.29 -4.72 -3.41
N VAL A 245 -3.82 -3.53 -3.80
CA VAL A 245 -4.63 -2.33 -3.64
C VAL A 245 -5.91 -2.41 -4.48
N VAL A 246 -5.82 -3.01 -5.67
CA VAL A 246 -7.00 -3.20 -6.49
C VAL A 246 -8.04 -4.03 -5.76
N THR A 247 -7.61 -5.11 -5.09
CA THR A 247 -8.53 -6.00 -4.41
C THR A 247 -8.99 -5.47 -3.06
N LEU A 248 -8.35 -4.43 -2.53
CA LEU A 248 -8.80 -3.81 -1.28
C LEU A 248 -9.59 -2.53 -1.52
N ILE A 249 -8.96 -1.54 -2.16
CA ILE A 249 -9.62 -0.26 -2.37
C ILE A 249 -10.63 -0.36 -3.50
N GLY A 250 -10.25 -1.00 -4.62
CA GLY A 250 -11.18 -1.13 -5.73
C GLY A 250 -12.40 -1.97 -5.38
N LEU A 251 -12.20 -3.07 -4.67
CA LEU A 251 -13.32 -3.96 -4.33
C LEU A 251 -14.29 -3.28 -3.38
N GLY A 252 -13.77 -2.59 -2.37
CA GLY A 252 -14.65 -1.95 -1.39
C GLY A 252 -15.56 -0.91 -2.02
N ILE A 253 -15.00 -0.05 -2.86
CA ILE A 253 -15.81 1.00 -3.46
C ILE A 253 -16.75 0.42 -4.52
N ALA A 254 -16.32 -0.63 -5.22
CA ALA A 254 -17.19 -1.24 -6.22
C ALA A 254 -18.45 -1.81 -5.58
N ILE A 255 -18.31 -2.49 -4.44
CA ILE A 255 -19.47 -3.04 -3.76
C ILE A 255 -20.32 -1.92 -3.17
N ASP A 256 -19.69 -0.87 -2.66
CA ASP A 256 -20.43 0.27 -2.13
C ASP A 256 -21.18 1.00 -3.23
N TYR A 257 -20.57 1.18 -4.41
CA TYR A 257 -21.31 1.74 -5.53
C TYR A 257 -22.50 0.85 -5.88
N GLY A 258 -22.28 -0.47 -5.89
CA GLY A 258 -23.37 -1.39 -6.18
C GLY A 258 -24.46 -1.35 -5.13
N LEU A 259 -24.09 -1.19 -3.86
CA LEU A 259 -25.08 -1.10 -2.80
C LEU A 259 -25.96 0.14 -2.98
N PHE A 260 -25.35 1.26 -3.36
CA PHE A 260 -26.08 2.52 -3.43
C PHE A 260 -27.15 2.49 -4.50
N ILE A 261 -26.82 2.01 -5.70
CA ILE A 261 -27.81 2.10 -6.76
C ILE A 261 -28.84 0.97 -6.65
N VAL A 262 -28.46 -0.19 -6.09
CA VAL A 262 -29.44 -1.24 -5.85
C VAL A 262 -30.43 -0.78 -4.78
N SER A 263 -29.93 -0.12 -3.73
CA SER A 263 -30.81 0.41 -2.70
C SER A 263 -31.77 1.45 -3.27
N ARG A 264 -31.27 2.34 -4.14
CA ARG A 264 -32.13 3.34 -4.73
C ARG A 264 -33.18 2.70 -5.65
N PHE A 265 -32.79 1.68 -6.40
CA PHE A 265 -33.73 1.02 -7.30
C PHE A 265 -34.88 0.40 -6.53
N ARG A 266 -34.56 -0.32 -5.45
CA ARG A 266 -35.62 -0.93 -4.65
C ARG A 266 -36.53 0.11 -4.03
N GLU A 267 -35.98 1.27 -3.66
CA GLU A 267 -36.80 2.35 -3.14
C GLU A 267 -37.68 2.96 -4.22
N GLU A 268 -37.19 3.01 -5.47
CA GLU A 268 -38.01 3.52 -6.56
C GLU A 268 -39.15 2.56 -6.88
N ILE A 269 -38.87 1.25 -6.89
CA ILE A 269 -39.93 0.27 -7.08
C ILE A 269 -40.93 0.33 -5.93
N ALA A 270 -40.44 0.46 -4.70
CA ALA A 270 -41.33 0.50 -3.54
C ALA A 270 -42.23 1.73 -3.58
N GLU A 271 -41.72 2.85 -4.09
CA GLU A 271 -42.53 4.06 -4.21
C GLU A 271 -43.62 3.92 -5.27
N GLY A 272 -43.58 2.89 -6.12
CA GLY A 272 -44.63 2.65 -7.09
C GLY A 272 -44.21 2.82 -8.54
N TYR A 273 -42.99 3.23 -8.81
CA TYR A 273 -42.51 3.37 -10.18
C TYR A 273 -42.31 2.01 -10.83
N ASP A 274 -42.58 1.94 -12.14
CA ASP A 274 -42.30 0.72 -12.87
C ASP A 274 -40.79 0.60 -13.10
N THR A 275 -40.40 -0.56 -13.64
CA THR A 275 -38.97 -0.84 -13.79
C THR A 275 -38.28 0.16 -14.71
N GLU A 276 -38.92 0.51 -15.83
CA GLU A 276 -38.34 1.47 -16.75
C GLU A 276 -38.07 2.80 -16.05
N ALA A 277 -39.08 3.36 -15.38
CA ALA A 277 -38.91 4.61 -14.66
C ALA A 277 -37.92 4.47 -13.50
N ALA A 278 -37.97 3.32 -12.80
CA ALA A 278 -37.10 3.13 -11.65
C ALA A 278 -35.62 3.13 -12.06
N VAL A 279 -35.31 2.46 -13.17
CA VAL A 279 -33.93 2.47 -13.66
C VAL A 279 -33.49 3.88 -14.00
N ARG A 280 -34.35 4.63 -14.69
CA ARG A 280 -33.99 6.00 -15.08
C ARG A 280 -33.77 6.88 -13.85
N ARG A 281 -34.69 6.82 -12.88
CA ARG A 281 -34.56 7.65 -11.70
C ARG A 281 -33.36 7.26 -10.84
N THR A 282 -33.02 5.97 -10.82
CA THR A 282 -31.84 5.54 -10.06
C THR A 282 -30.57 6.10 -10.68
N VAL A 283 -30.45 6.05 -12.01
CA VAL A 283 -29.27 6.61 -12.67
C VAL A 283 -29.23 8.12 -12.48
N MET A 284 -30.38 8.78 -12.53
CA MET A 284 -30.43 10.25 -12.40
C MET A 284 -29.99 10.72 -11.03
N THR A 285 -30.17 9.90 -9.99
CA THR A 285 -29.87 10.31 -8.63
C THR A 285 -28.69 9.54 -8.04
N SER A 286 -28.78 8.21 -7.96
CA SER A 286 -27.68 7.44 -7.40
C SER A 286 -26.52 7.34 -8.37
N GLY A 287 -26.79 7.34 -9.68
CA GLY A 287 -25.71 7.33 -10.65
C GLY A 287 -24.88 8.60 -10.63
N ARG A 288 -25.54 9.74 -10.40
CA ARG A 288 -24.83 10.99 -10.24
C ARG A 288 -23.97 10.96 -8.97
N THR A 289 -24.49 10.37 -7.89
CA THR A 289 -23.75 10.30 -6.64
C THR A 289 -22.49 9.45 -6.78
N VAL A 290 -22.59 8.30 -7.44
CA VAL A 290 -21.41 7.44 -7.59
C VAL A 290 -20.42 8.08 -8.55
N VAL A 291 -20.89 8.73 -9.60
CA VAL A 291 -19.99 9.39 -10.53
C VAL A 291 -19.25 10.53 -9.83
N PHE A 292 -19.97 11.35 -9.06
CA PHE A 292 -19.30 12.42 -8.33
C PHE A 292 -18.36 11.85 -7.28
N SER A 293 -18.74 10.74 -6.65
CA SER A 293 -17.83 10.08 -5.72
C SER A 293 -16.55 9.65 -6.44
N ALA A 294 -16.69 9.14 -7.66
CA ALA A 294 -15.52 8.72 -8.43
C ALA A 294 -14.59 9.90 -8.71
N VAL A 295 -15.14 11.06 -9.08
CA VAL A 295 -14.26 12.19 -9.37
C VAL A 295 -13.62 12.71 -8.09
N ILE A 296 -14.29 12.59 -6.95
CA ILE A 296 -13.68 12.97 -5.68
C ILE A 296 -12.48 12.07 -5.38
N ILE A 297 -12.64 10.77 -5.59
CA ILE A 297 -11.56 9.83 -5.33
C ILE A 297 -10.41 10.08 -6.31
N VAL A 298 -10.74 10.27 -7.60
CA VAL A 298 -9.70 10.56 -8.58
C VAL A 298 -8.98 11.86 -8.23
N ALA A 299 -9.74 12.90 -7.87
CA ALA A 299 -9.12 14.15 -7.44
C ALA A 299 -8.27 13.95 -6.20
N SER A 300 -8.68 13.05 -5.31
CA SER A 300 -7.88 12.79 -4.10
C SER A 300 -6.68 11.90 -4.37
N SER A 301 -6.54 11.36 -5.57
CA SER A 301 -5.49 10.40 -5.88
C SER A 301 -4.38 10.96 -6.75
N VAL A 302 -4.72 11.77 -7.75
CA VAL A 302 -3.73 12.30 -8.69
C VAL A 302 -2.65 13.15 -8.02
N PRO A 303 -2.87 13.79 -6.87
CA PRO A 303 -1.74 14.52 -6.24
C PRO A 303 -0.56 13.64 -5.89
N LEU A 304 -0.75 12.34 -5.71
CA LEU A 304 0.36 11.45 -5.44
C LEU A 304 1.36 11.40 -6.60
N LEU A 305 0.91 11.73 -7.82
CA LEU A 305 1.81 11.70 -8.96
C LEU A 305 2.91 12.75 -8.89
N LEU A 306 2.81 13.71 -7.97
CA LEU A 306 3.89 14.67 -7.76
C LEU A 306 5.14 14.01 -7.22
N PHE A 307 4.98 12.93 -6.45
CA PHE A 307 6.11 12.24 -5.85
C PHE A 307 6.88 11.46 -6.91
N PRO A 308 8.20 11.32 -6.76
CA PRO A 308 8.99 10.60 -7.77
C PRO A 308 8.97 9.09 -7.65
N GLN A 309 8.62 8.56 -6.47
CA GLN A 309 8.68 7.11 -6.26
C GLN A 309 7.73 6.39 -7.22
N GLY A 310 8.27 5.43 -7.98
CA GLY A 310 7.45 4.64 -8.86
C GLY A 310 6.39 3.84 -8.13
N PHE A 311 6.63 3.51 -6.86
CA PHE A 311 5.64 2.81 -6.07
C PHE A 311 4.34 3.62 -5.98
N LEU A 312 4.47 4.92 -5.70
CA LEU A 312 3.27 5.76 -5.55
C LEU A 312 2.57 5.95 -6.89
N LYS A 313 3.33 6.08 -7.97
CA LYS A 313 2.71 6.23 -9.28
C LYS A 313 1.89 5.00 -9.65
N SER A 314 2.42 3.80 -9.35
CA SER A 314 1.70 2.57 -9.67
C SER A 314 0.39 2.46 -8.91
N ILE A 315 0.37 2.91 -7.66
CA ILE A 315 -0.82 2.80 -6.83
C ILE A 315 -1.93 3.69 -7.37
N THR A 316 -1.61 4.93 -7.76
CA THR A 316 -2.64 5.83 -8.26
C THR A 316 -3.26 5.29 -9.54
N TYR A 317 -2.44 4.72 -10.44
CA TYR A 317 -2.99 4.12 -11.64
C TYR A 317 -3.97 3.01 -11.28
N ALA A 318 -3.60 2.17 -10.31
CA ALA A 318 -4.49 1.12 -9.84
C ALA A 318 -5.77 1.71 -9.23
N ILE A 319 -5.63 2.76 -8.42
CA ILE A 319 -6.80 3.36 -7.79
C ILE A 319 -7.71 3.99 -8.84
N ILE A 320 -7.13 4.77 -9.76
CA ILE A 320 -7.95 5.45 -10.76
C ILE A 320 -8.65 4.43 -11.66
N ALA A 321 -7.92 3.41 -12.09
CA ALA A 321 -8.54 2.37 -12.92
C ALA A 321 -9.64 1.64 -12.17
N SER A 322 -9.42 1.37 -10.87
CA SER A 322 -10.40 0.63 -10.09
C SER A 322 -11.69 1.41 -9.90
N VAL A 323 -11.59 2.71 -9.60
CA VAL A 323 -12.78 3.47 -9.29
C VAL A 323 -13.52 3.90 -10.56
N MET A 324 -12.80 4.18 -11.65
CA MET A 324 -13.48 4.51 -12.89
C MET A 324 -14.26 3.32 -13.43
N LEU A 325 -13.64 2.14 -13.42
CA LEU A 325 -14.33 0.95 -13.89
C LEU A 325 -15.53 0.62 -13.01
N ALA A 326 -15.35 0.71 -11.68
CA ALA A 326 -16.44 0.40 -10.76
C ALA A 326 -17.61 1.35 -10.94
N ALA A 327 -17.33 2.64 -11.11
CA ALA A 327 -18.41 3.60 -11.37
C ALA A 327 -19.11 3.27 -12.68
N ILE A 328 -18.35 2.97 -13.73
CA ILE A 328 -18.95 2.61 -15.01
C ILE A 328 -19.79 1.35 -14.86
N LEU A 329 -19.26 0.35 -14.15
CA LEU A 329 -19.98 -0.91 -14.00
C LEU A 329 -21.30 -0.70 -13.25
N SER A 330 -21.28 0.15 -12.23
CA SER A 330 -22.46 0.34 -11.41
C SER A 330 -23.62 0.97 -12.18
N ILE A 331 -23.33 1.73 -13.24
CA ILE A 331 -24.38 2.38 -14.03
C ILE A 331 -24.54 1.78 -15.42
N THR A 332 -23.80 0.72 -15.75
CA THR A 332 -24.01 0.04 -17.02
C THR A 332 -24.50 -1.40 -16.82
N VAL A 333 -23.68 -2.26 -16.22
CA VAL A 333 -24.09 -3.66 -16.11
C VAL A 333 -25.07 -3.84 -14.96
N LEU A 334 -24.90 -3.10 -13.86
CA LEU A 334 -25.80 -3.23 -12.73
C LEU A 334 -27.18 -2.67 -13.05
N ALA A 335 -27.22 -1.47 -13.64
CA ALA A 335 -28.48 -0.85 -14.04
C ALA A 335 -29.23 -1.72 -15.06
N ALA A 336 -28.50 -2.26 -16.04
CA ALA A 336 -29.11 -3.16 -17.01
C ALA A 336 -29.62 -4.43 -16.35
N ALA A 337 -28.88 -4.95 -15.37
CA ALA A 337 -29.34 -6.14 -14.65
C ALA A 337 -30.64 -5.88 -13.91
N LEU A 338 -30.77 -4.71 -13.28
CA LEU A 338 -32.00 -4.38 -12.57
C LEU A 338 -33.13 -4.13 -13.54
N ALA A 339 -32.82 -3.58 -14.72
CA ALA A 339 -33.85 -3.38 -15.74
C ALA A 339 -34.45 -4.71 -16.19
N ILE A 340 -33.62 -5.74 -16.32
CA ILE A 340 -34.11 -7.07 -16.68
C ILE A 340 -34.88 -7.69 -15.51
N LEU A 341 -34.33 -7.59 -14.30
CA LEU A 341 -34.94 -8.26 -13.15
C LEU A 341 -36.24 -7.57 -12.75
N GLY A 342 -36.24 -6.24 -12.69
CA GLY A 342 -37.36 -5.52 -12.11
C GLY A 342 -37.53 -5.85 -10.65
N PRO A 343 -38.79 -5.88 -10.18
CA PRO A 343 -39.06 -6.27 -8.79
C PRO A 343 -38.60 -7.67 -8.44
N ARG A 344 -38.27 -8.50 -9.42
CA ARG A 344 -37.78 -9.85 -9.13
C ARG A 344 -36.42 -9.84 -8.44
N VAL A 345 -35.79 -8.68 -8.27
CA VAL A 345 -34.55 -8.58 -7.51
C VAL A 345 -34.77 -8.98 -6.06
N ASP A 346 -36.02 -8.90 -5.58
CA ASP A 346 -36.37 -9.29 -4.23
C ASP A 346 -37.07 -10.65 -4.17
N ALA A 347 -37.02 -11.42 -5.27
CA ALA A 347 -37.85 -12.62 -5.36
C ALA A 347 -37.44 -13.69 -4.36
N LEU A 348 -36.13 -13.90 -4.19
CA LEU A 348 -35.63 -15.01 -3.39
C LEU A 348 -35.27 -14.53 -1.99
N GLY A 349 -35.78 -15.21 -0.98
CA GLY A 349 -35.56 -14.87 0.40
C GLY A 349 -34.70 -15.87 1.14
N VAL A 350 -34.83 -15.87 2.47
CA VAL A 350 -34.00 -16.73 3.30
C VAL A 350 -34.25 -18.19 3.01
N THR A 351 -35.51 -18.54 2.73
CA THR A 351 -35.86 -19.94 2.50
C THR A 351 -35.08 -20.56 1.36
N THR A 352 -34.73 -19.77 0.34
CA THR A 352 -33.99 -20.28 -0.81
C THR A 352 -32.66 -20.90 -0.36
N LEU A 353 -31.82 -20.11 0.32
CA LEU A 353 -30.56 -20.63 0.83
C LEU A 353 -30.81 -21.66 1.92
N LEU A 354 -31.84 -21.46 2.74
CA LEU A 354 -32.14 -22.37 3.84
C LEU A 354 -32.20 -23.82 3.37
N LYS A 355 -32.77 -24.05 2.18
CA LYS A 355 -32.85 -25.40 1.64
C LYS A 355 -31.66 -25.73 0.74
N ILE A 356 -31.53 -24.98 -0.37
CA ILE A 356 -30.55 -25.25 -1.42
C ILE A 356 -30.54 -26.72 -1.84
N GLU A 383 -39.32 -0.55 14.33
CA GLU A 383 -39.56 0.31 13.17
C GLU A 383 -39.66 1.77 13.60
N GLU A 384 -40.81 2.14 14.18
CA GLU A 384 -40.96 3.49 14.73
C GLU A 384 -39.95 3.74 15.85
N VAL A 385 -39.67 2.71 16.65
CA VAL A 385 -38.69 2.83 17.73
C VAL A 385 -37.32 3.19 17.16
N GLU A 386 -36.90 2.49 16.11
CA GLU A 386 -35.58 2.72 15.52
C GLU A 386 -35.46 4.14 14.98
N ARG A 387 -36.43 4.57 14.18
CA ARG A 387 -36.40 5.91 13.62
C ARG A 387 -36.34 6.96 14.73
N GLY A 388 -37.19 6.80 15.74
CA GLY A 388 -37.22 7.78 16.81
C GLY A 388 -35.91 7.86 17.57
N PHE A 389 -35.35 6.71 17.93
CA PHE A 389 -34.08 6.68 18.67
C PHE A 389 -33.00 7.41 17.89
N TRP A 390 -32.79 7.04 16.64
CA TRP A 390 -31.75 7.71 15.85
C TRP A 390 -32.08 9.18 15.69
N GLY A 391 -33.34 9.51 15.44
CA GLY A 391 -33.76 10.90 15.46
C GLY A 391 -33.56 11.54 16.82
N ARG A 392 -33.82 10.78 17.90
CA ARG A 392 -33.59 11.31 19.24
C ARG A 392 -32.11 11.54 19.50
N LEU A 393 -31.25 10.64 19.01
CA LEU A 393 -29.81 10.79 19.25
C LEU A 393 -29.29 12.09 18.66
N VAL A 394 -29.71 12.41 17.43
CA VAL A 394 -29.35 13.71 16.86
C VAL A 394 -29.88 14.84 17.72
N ASN A 395 -31.11 14.68 18.23
CA ASN A 395 -31.71 15.71 19.06
C ASN A 395 -30.92 15.91 20.35
N VAL A 396 -30.54 14.82 21.02
CA VAL A 396 -29.76 14.93 22.25
C VAL A 396 -28.43 15.60 21.97
N VAL A 397 -27.81 15.28 20.83
CA VAL A 397 -26.55 15.90 20.46
C VAL A 397 -26.73 17.41 20.28
N MET A 398 -27.80 17.80 19.59
CA MET A 398 -28.03 19.22 19.34
C MET A 398 -28.52 19.96 20.58
N LYS A 399 -29.13 19.26 21.54
CA LYS A 399 -29.55 19.92 22.77
C LYS A 399 -28.35 20.42 23.57
N ARG A 400 -27.29 19.61 23.65
CA ARG A 400 -26.05 19.98 24.33
C ARG A 400 -24.90 19.75 23.37
N PRO A 401 -24.71 20.64 22.39
CA PRO A 401 -23.67 20.39 21.37
C PRO A 401 -22.25 20.54 21.91
N ILE A 402 -22.00 21.55 22.75
CA ILE A 402 -20.67 21.72 23.33
C ILE A 402 -20.32 20.54 24.22
N ALA A 403 -21.31 19.97 24.91
CA ALA A 403 -21.08 18.80 25.73
C ALA A 403 -20.57 17.61 24.93
N PHE A 404 -20.77 17.61 23.61
CA PHE A 404 -20.28 16.54 22.74
C PHE A 404 -19.06 16.98 21.94
N ALA A 405 -19.11 18.17 21.32
CA ALA A 405 -18.00 18.60 20.47
C ALA A 405 -16.72 18.79 21.26
N ALA A 406 -16.82 19.41 22.45
CA ALA A 406 -15.61 19.70 23.22
C ALA A 406 -14.87 18.44 23.66
N PRO A 407 -15.50 17.43 24.27
CA PRO A 407 -14.73 16.21 24.61
C PRO A 407 -14.17 15.51 23.38
N ILE A 408 -14.91 15.51 22.28
CA ILE A 408 -14.41 14.84 21.07
C ILE A 408 -13.25 15.61 20.46
N LEU A 409 -13.33 16.94 20.43
CA LEU A 409 -12.24 17.74 19.87
C LEU A 409 -10.96 17.53 20.66
N VAL A 410 -11.05 17.48 21.98
CA VAL A 410 -9.86 17.30 22.80
C VAL A 410 -9.24 15.93 22.56
N VAL A 411 -10.06 14.87 22.61
CA VAL A 411 -9.51 13.51 22.54
C VAL A 411 -8.89 13.26 21.17
N MET A 412 -9.49 13.80 20.10
CA MET A 412 -8.92 13.60 18.77
C MET A 412 -7.58 14.31 18.62
N VAL A 413 -7.45 15.49 19.24
CA VAL A 413 -6.16 16.19 19.21
C VAL A 413 -5.11 15.40 19.98
N LEU A 414 -5.47 14.84 21.14
CA LEU A 414 -4.54 14.02 21.89
C LEU A 414 -4.14 12.77 21.10
N LEU A 415 -5.02 12.27 20.23
CA LEU A 415 -4.69 11.11 19.42
C LEU A 415 -3.64 11.42 18.36
N ILE A 416 -3.39 12.71 18.08
CA ILE A 416 -2.31 13.08 17.17
C ILE A 416 -0.94 13.04 17.85
N ILE A 417 -0.91 13.05 19.19
CA ILE A 417 0.38 13.14 19.89
C ILE A 417 1.35 12.04 19.50
N PRO A 418 0.95 10.76 19.40
CA PRO A 418 1.95 9.72 19.04
C PRO A 418 2.60 9.94 17.68
N LEU A 419 2.02 10.78 16.82
CA LEU A 419 2.65 11.06 15.53
C LEU A 419 4.01 11.72 15.69
N GLY A 420 4.27 12.35 16.84
CA GLY A 420 5.58 12.92 17.09
C GLY A 420 6.69 11.90 17.15
N GLN A 421 6.37 10.64 17.47
CA GLN A 421 7.36 9.57 17.52
C GLN A 421 7.48 8.84 16.18
N LEU A 422 7.12 9.49 15.08
CA LEU A 422 7.17 8.84 13.78
C LEU A 422 8.61 8.50 13.40
N SER A 423 8.82 7.25 12.98
CA SER A 423 10.10 6.80 12.49
C SER A 423 9.90 6.14 11.13
N LEU A 424 10.90 6.28 10.26
CA LEU A 424 10.83 5.81 8.88
C LEU A 424 12.06 4.98 8.56
N GLY A 425 11.84 3.90 7.80
CA GLY A 425 12.91 3.01 7.39
C GLY A 425 12.59 2.36 6.06
N GLY A 426 13.08 1.13 5.88
CA GLY A 426 12.92 0.41 4.63
C GLY A 426 12.52 -1.04 4.87
N ILE A 427 12.35 -1.75 3.76
CA ILE A 427 11.89 -3.13 3.80
C ILE A 427 12.99 -4.02 4.36
N SER A 428 12.61 -4.95 5.24
CA SER A 428 13.53 -5.97 5.74
C SER A 428 12.72 -7.26 5.96
N GLU A 429 13.39 -8.27 6.51
CA GLU A 429 12.68 -9.49 6.89
C GLU A 429 11.70 -9.26 8.02
N LYS A 430 11.84 -8.17 8.78
CA LYS A 430 10.90 -7.85 9.84
C LYS A 430 9.56 -7.39 9.31
N TYR A 431 9.42 -7.16 8.00
CA TYR A 431 8.12 -6.90 7.42
C TYR A 431 7.23 -8.14 7.43
N LEU A 432 7.81 -9.32 7.63
CA LEU A 432 7.16 -10.61 7.81
C LEU A 432 6.90 -10.86 9.29
N PRO A 433 5.89 -11.66 9.63
CA PRO A 433 5.59 -11.90 11.03
C PRO A 433 6.75 -12.65 11.70
N PRO A 434 6.92 -12.47 13.01
CA PRO A 434 8.09 -13.04 13.68
C PRO A 434 8.18 -14.55 13.61
N ASP A 435 7.07 -15.24 13.33
CA ASP A 435 7.07 -16.70 13.22
C ASP A 435 7.18 -17.18 11.78
N ASN A 436 7.38 -16.28 10.82
CA ASN A 436 7.56 -16.68 9.44
C ASN A 436 8.87 -17.46 9.28
N ALA A 437 8.79 -18.57 8.54
CA ALA A 437 9.93 -19.48 8.44
C ALA A 437 11.12 -18.84 7.73
N VAL A 438 10.86 -18.11 6.64
CA VAL A 438 11.95 -17.48 5.90
C VAL A 438 12.61 -16.39 6.73
N ARG A 439 11.80 -15.62 7.47
CA ARG A 439 12.38 -14.63 8.36
C ARG A 439 13.24 -15.27 9.44
N GLN A 440 12.79 -16.40 9.98
CA GLN A 440 13.57 -17.07 11.01
C GLN A 440 14.86 -17.67 10.46
N SER A 441 14.84 -18.17 9.23
CA SER A 441 16.07 -18.62 8.59
C SER A 441 17.06 -17.47 8.45
N GLN A 442 16.56 -16.29 8.07
CA GLN A 442 17.43 -15.13 7.97
C GLN A 442 18.03 -14.77 9.33
N GLU A 443 17.20 -14.79 10.37
CA GLU A 443 17.69 -14.45 11.71
C GLU A 443 18.66 -15.50 12.23
N GLN A 444 18.43 -16.76 11.88
CA GLN A 444 19.38 -17.81 12.24
C GLN A 444 20.73 -17.59 11.56
N PHE A 445 20.72 -17.16 10.30
CA PHE A 445 21.98 -16.91 9.61
C PHE A 445 22.75 -15.79 10.29
N ASP A 446 22.07 -14.73 10.71
CA ASP A 446 22.76 -13.60 11.31
C ASP A 446 23.28 -13.92 12.71
N LYS A 447 22.69 -14.90 13.39
CA LYS A 447 23.19 -15.32 14.69
C LYS A 447 24.36 -16.29 14.54
N LEU A 448 24.25 -17.24 13.61
CA LEU A 448 25.31 -18.23 13.42
C LEU A 448 26.53 -17.63 12.73
N PHE A 449 26.32 -16.67 11.83
CA PHE A 449 27.41 -16.09 11.03
C PHE A 449 27.36 -14.57 11.11
N PRO A 450 27.67 -14.00 12.28
CA PRO A 450 27.63 -12.54 12.42
C PRO A 450 28.69 -11.86 11.58
N GLY A 451 28.37 -10.65 11.12
CA GLY A 451 29.30 -9.83 10.40
C GLY A 451 29.29 -10.02 8.89
N PHE A 452 28.69 -11.11 8.39
CA PHE A 452 28.62 -11.30 6.95
C PHE A 452 27.57 -10.39 6.31
N ARG A 453 26.47 -10.13 7.02
CA ARG A 453 25.46 -9.19 6.55
C ARG A 453 25.86 -7.77 6.92
N THR A 454 25.88 -6.87 5.94
CA THR A 454 26.23 -5.48 6.17
C THR A 454 25.26 -4.59 5.42
N GLU A 455 25.10 -3.36 5.92
CA GLU A 455 24.31 -2.32 5.26
C GLU A 455 25.13 -1.05 5.19
N PRO A 456 26.15 -1.01 4.34
CA PRO A 456 27.11 0.09 4.40
C PRO A 456 26.61 1.34 3.69
N LEU A 457 26.98 2.49 4.25
CA LEU A 457 27.04 3.72 3.47
C LEU A 457 28.28 3.68 2.60
N THR A 458 28.17 4.18 1.38
CA THR A 458 29.26 4.16 0.44
C THR A 458 29.71 5.59 0.13
N LEU A 459 31.00 5.75 -0.07
CA LEU A 459 31.58 7.00 -0.57
C LEU A 459 32.11 6.68 -1.97
N VAL A 460 31.36 7.10 -2.98
CA VAL A 460 31.71 6.83 -4.37
C VAL A 460 32.54 8.01 -4.88
N MET A 461 33.85 7.81 -5.01
CA MET A 461 34.78 8.84 -5.41
C MET A 461 34.96 8.83 -6.92
N LYS A 462 34.87 10.01 -7.54
CA LYS A 462 35.04 10.12 -9.00
C LYS A 462 35.95 11.29 -9.32
N ARG A 463 37.00 11.02 -10.11
CA ARG A 463 37.92 12.06 -10.58
C ARG A 463 37.45 12.53 -11.95
N GLU A 464 37.02 13.79 -12.04
CA GLU A 464 36.54 14.31 -13.31
C GLU A 464 37.64 14.40 -14.37
N ASP A 465 38.91 14.42 -13.94
CA ASP A 465 40.03 14.44 -14.87
C ASP A 465 40.12 13.17 -15.72
N GLY A 466 39.50 12.08 -15.29
CA GLY A 466 39.70 10.81 -15.94
C GLY A 466 40.98 10.10 -15.56
N GLU A 467 41.83 10.72 -14.76
CA GLU A 467 43.06 10.12 -14.30
C GLU A 467 42.78 9.19 -13.12
N PRO A 468 43.65 8.22 -12.87
CA PRO A 468 43.42 7.28 -11.76
C PRO A 468 43.42 7.99 -10.41
N ILE A 469 42.51 7.55 -9.54
CA ILE A 469 42.50 8.00 -8.15
C ILE A 469 43.64 7.31 -7.41
N THR A 470 44.44 8.09 -6.68
CA THR A 470 45.61 7.53 -6.01
C THR A 470 45.25 6.93 -4.65
N ASP A 471 46.16 6.11 -4.14
CA ASP A 471 45.98 5.52 -2.81
C ASP A 471 46.00 6.58 -1.72
N ALA A 472 46.83 7.62 -1.89
CA ALA A 472 46.84 8.72 -0.92
C ALA A 472 45.51 9.46 -0.91
N GLN A 473 44.90 9.66 -2.09
CA GLN A 473 43.59 10.30 -2.14
C GLN A 473 42.53 9.45 -1.45
N ILE A 474 42.57 8.14 -1.66
CA ILE A 474 41.66 7.24 -0.95
C ILE A 474 41.87 7.37 0.55
N ALA A 475 43.14 7.43 0.99
CA ALA A 475 43.43 7.61 2.40
C ALA A 475 43.00 8.98 2.90
N ASP A 476 43.07 10.01 2.06
CA ASP A 476 42.54 11.32 2.43
C ASP A 476 41.04 11.24 2.69
N MET A 477 40.32 10.53 1.81
CA MET A 477 38.88 10.40 2.00
C MET A 477 38.56 9.56 3.23
N ARG A 478 39.31 8.48 3.46
CA ARG A 478 39.08 7.65 4.64
C ARG A 478 39.27 8.45 5.91
N ALA A 479 40.33 9.28 5.96
CA ALA A 479 40.59 10.09 7.14
C ALA A 479 39.44 11.06 7.40
N LYS A 480 38.91 11.68 6.34
CA LYS A 480 37.75 12.54 6.50
C LYS A 480 36.56 11.76 7.04
N ALA A 481 36.30 10.57 6.50
CA ALA A 481 35.16 9.79 6.97
C ALA A 481 35.38 9.31 8.40
N LEU A 482 36.64 9.14 8.81
CA LEU A 482 36.95 8.74 10.17
C LEU A 482 36.73 9.86 11.18
N THR A 483 36.50 11.09 10.72
CA THR A 483 36.11 12.17 11.62
C THR A 483 34.62 12.16 11.96
N VAL A 484 33.83 11.29 11.32
CA VAL A 484 32.40 11.17 11.61
C VAL A 484 32.21 9.98 12.53
N SER A 485 31.59 10.22 13.68
CA SER A 485 31.33 9.14 14.63
C SER A 485 30.09 8.34 14.20
N GLY A 486 29.96 7.16 14.78
CA GLY A 486 28.79 6.33 14.56
C GLY A 486 28.94 5.19 13.58
N PHE A 487 30.14 4.95 13.05
CA PHE A 487 30.32 3.88 12.08
C PHE A 487 30.98 2.66 12.74
N THR A 488 30.60 1.48 12.26
CA THR A 488 31.03 0.24 12.90
C THR A 488 32.53 0.02 12.74
N ASP A 489 33.14 -0.54 13.78
CA ASP A 489 34.57 -0.87 13.79
C ASP A 489 34.72 -2.31 14.26
N PRO A 490 34.50 -3.27 13.35
CA PRO A 490 34.53 -4.68 13.80
C PRO A 490 35.92 -5.18 14.13
N ASP A 491 36.94 -4.74 13.41
CA ASP A 491 38.31 -5.16 13.66
C ASP A 491 39.02 -4.27 14.68
N ASN A 492 38.31 -3.31 15.27
CA ASN A 492 38.79 -2.40 16.30
C ASN A 492 39.88 -1.46 15.81
N ASP A 493 40.29 -1.57 14.54
CA ASP A 493 41.30 -0.72 13.96
C ASP A 493 40.65 0.24 12.97
N PRO A 494 40.75 1.55 13.19
CA PRO A 494 40.20 2.49 12.19
C PRO A 494 40.81 2.31 10.81
N GLU A 495 42.06 1.82 10.75
CA GLU A 495 42.69 1.54 9.48
C GLU A 495 41.97 0.43 8.72
N LYS A 496 41.25 -0.43 9.42
CA LYS A 496 40.44 -1.47 8.78
C LYS A 496 39.00 -1.05 8.54
N MET A 497 38.66 0.20 8.86
CA MET A 497 37.35 0.77 8.53
C MET A 497 37.39 1.39 7.14
N TRP A 498 36.20 1.61 6.59
CA TRP A 498 36.06 2.24 5.28
C TRP A 498 36.91 1.52 4.24
N LYS A 499 36.77 0.20 4.20
CA LYS A 499 37.47 -0.60 3.21
C LYS A 499 36.87 -0.38 1.82
N GLU A 500 37.64 -0.76 0.80
CA GLU A 500 37.17 -0.64 -0.57
C GLU A 500 36.11 -1.69 -0.87
N ARG A 501 35.15 -1.31 -1.70
CA ARG A 501 34.16 -2.26 -2.16
C ARG A 501 34.83 -3.38 -2.94
N PRO A 502 34.47 -4.64 -2.70
CA PRO A 502 35.01 -5.74 -3.52
C PRO A 502 34.63 -5.59 -4.98
N ALA A 503 35.54 -5.97 -5.87
CA ALA A 503 35.35 -5.87 -7.31
C ALA A 503 35.02 -7.23 -7.91
N ASN A 504 34.10 -7.25 -8.87
CA ASN A 504 33.70 -8.43 -9.61
C ASN A 504 34.22 -8.34 -11.05
N ASP A 505 34.18 -9.49 -11.74
CA ASP A 505 34.63 -9.52 -13.13
C ASP A 505 33.70 -8.76 -14.07
N SER A 506 32.46 -8.50 -13.65
CA SER A 506 31.53 -7.74 -14.48
C SER A 506 31.77 -6.23 -14.40
N GLY A 507 32.63 -5.77 -13.50
CA GLY A 507 32.88 -4.35 -13.39
C GLY A 507 33.90 -3.86 -14.38
N SER A 508 33.76 -2.59 -14.78
CA SER A 508 34.71 -1.98 -15.73
C SER A 508 36.07 -1.69 -15.08
N LYS A 509 36.12 -1.55 -13.76
CA LYS A 509 37.35 -1.24 -13.03
C LYS A 509 37.99 0.07 -13.49
N ASP A 510 37.15 1.02 -13.88
CA ASP A 510 37.59 2.37 -14.23
C ASP A 510 38.45 2.95 -13.11
N PRO A 511 39.73 3.20 -13.34
CA PRO A 511 40.60 3.68 -12.26
C PRO A 511 40.23 5.06 -11.74
N SER A 512 39.45 5.83 -12.48
CA SER A 512 39.03 7.15 -12.05
C SER A 512 37.87 7.11 -11.05
N VAL A 513 37.38 5.92 -10.71
CA VAL A 513 36.31 5.76 -9.73
C VAL A 513 36.75 4.73 -8.70
N ARG A 514 36.63 5.09 -7.43
CA ARG A 514 36.93 4.17 -6.35
C ARG A 514 35.87 4.33 -5.27
N VAL A 515 35.48 3.22 -4.66
CA VAL A 515 34.40 3.21 -3.68
C VAL A 515 34.92 2.66 -2.36
N ILE A 516 34.72 3.41 -1.28
CA ILE A 516 34.93 2.91 0.07
C ILE A 516 33.58 2.92 0.80
N GLN A 517 33.43 2.02 1.77
CA GLN A 517 32.13 1.81 2.39
C GLN A 517 32.29 1.43 3.85
N ASN A 518 31.24 1.70 4.63
CA ASN A 518 31.22 1.33 6.04
C ASN A 518 29.78 1.37 6.53
N GLY A 519 29.43 0.42 7.41
CA GLY A 519 28.11 0.41 7.99
C GLY A 519 27.99 1.29 9.22
N LEU A 520 26.75 1.58 9.60
CA LEU A 520 26.45 2.39 10.76
C LEU A 520 26.30 1.52 12.01
N GLU A 521 26.62 2.11 13.16
CA GLU A 521 26.38 1.42 14.42
C GLU A 521 24.89 1.40 14.77
N ASN A 522 24.21 2.53 14.56
CA ASN A 522 22.79 2.66 14.83
C ASN A 522 22.10 3.11 13.54
N ARG A 523 21.17 2.28 13.04
CA ARG A 523 20.55 2.57 11.75
C ARG A 523 19.75 3.85 11.77
N ASN A 524 19.17 4.23 12.91
CA ASN A 524 18.36 5.44 12.99
C ASN A 524 19.18 6.71 12.82
N ASP A 525 20.50 6.63 12.86
CA ASP A 525 21.34 7.80 12.68
C ASP A 525 21.62 8.10 11.21
N ALA A 526 21.03 7.34 10.29
CA ALA A 526 21.41 7.46 8.88
C ALA A 526 21.19 8.87 8.35
N ALA A 527 20.04 9.49 8.66
CA ALA A 527 19.79 10.83 8.14
C ALA A 527 20.88 11.80 8.57
N LYS A 528 21.26 11.78 9.85
CA LYS A 528 22.28 12.72 10.33
C LYS A 528 23.66 12.40 9.78
N LYS A 529 24.02 11.11 9.73
CA LYS A 529 25.36 10.73 9.31
C LYS A 529 25.57 10.96 7.81
N ILE A 530 24.53 10.71 7.01
CA ILE A 530 24.64 10.93 5.56
C ILE A 530 24.95 12.38 5.27
N ASP A 531 24.29 13.31 5.98
CA ASP A 531 24.57 14.72 5.79
C ASP A 531 25.99 15.07 6.22
N GLU A 532 26.47 14.46 7.31
CA GLU A 532 27.86 14.68 7.72
C GLU A 532 28.83 14.18 6.65
N LEU A 533 28.59 12.98 6.13
CA LEU A 533 29.45 12.45 5.07
C LEU A 533 29.43 13.37 3.86
N ARG A 534 28.24 13.84 3.48
CA ARG A 534 28.12 14.71 2.31
C ARG A 534 28.71 16.10 2.55
N ALA A 535 28.94 16.47 3.80
CA ALA A 535 29.58 17.74 4.11
C ALA A 535 31.11 17.66 4.17
N LEU A 536 31.68 16.47 4.14
CA LEU A 536 33.13 16.32 4.18
C LEU A 536 33.76 16.82 2.89
N GLN A 537 34.88 17.52 3.03
CA GLN A 537 35.58 18.05 1.86
C GLN A 537 36.44 16.96 1.24
N PRO A 538 36.17 16.54 0.00
CA PRO A 538 36.98 15.49 -0.64
C PRO A 538 38.31 16.06 -1.11
N PRO A 539 39.26 15.19 -1.47
CA PRO A 539 40.51 15.69 -2.06
C PRO A 539 40.25 16.51 -3.32
N HIS A 540 41.30 17.20 -3.77
CA HIS A 540 41.19 18.34 -4.67
C HIS A 540 40.32 18.07 -5.89
N GLY A 541 40.67 17.08 -6.70
CA GLY A 541 39.96 16.90 -7.96
C GLY A 541 38.86 15.85 -7.99
N ILE A 542 38.33 15.44 -6.85
CA ILE A 542 37.37 14.34 -6.84
C ILE A 542 36.03 14.84 -6.32
N GLU A 543 34.97 14.23 -6.83
CA GLU A 543 33.63 14.39 -6.31
C GLU A 543 33.19 13.09 -5.65
N VAL A 544 32.35 13.22 -4.63
CA VAL A 544 31.92 12.09 -3.81
C VAL A 544 30.41 11.97 -3.90
N PHE A 545 29.93 10.77 -4.21
CA PHE A 545 28.50 10.43 -4.15
C PHE A 545 28.29 9.46 -3.00
N VAL A 546 27.35 9.78 -2.12
CA VAL A 546 27.08 8.96 -0.95
C VAL A 546 25.88 8.07 -1.25
N GLY A 547 26.10 6.75 -1.22
CA GLY A 547 25.08 5.78 -1.51
C GLY A 547 25.02 4.71 -0.42
N GLY A 548 24.56 3.54 -0.82
CA GLY A 548 24.19 2.50 0.11
C GLY A 548 22.70 2.49 0.39
N THR A 549 22.21 1.36 0.88
CA THR A 549 20.78 1.21 1.18
C THR A 549 20.27 2.26 2.14
N PRO A 550 20.93 2.57 3.27
CA PRO A 550 20.40 3.65 4.12
C PRO A 550 20.32 4.98 3.41
N ALA A 551 21.26 5.27 2.49
CA ALA A 551 21.17 6.51 1.72
C ALA A 551 20.01 6.48 0.76
N LEU A 552 19.73 5.33 0.14
CA LEU A 552 18.61 5.24 -0.79
C LEU A 552 17.30 5.54 -0.09
N GLU A 553 17.12 5.01 1.13
CA GLU A 553 15.89 5.27 1.88
C GLU A 553 15.81 6.73 2.32
N GLN A 554 16.90 7.28 2.85
CA GLN A 554 16.85 8.64 3.39
C GLN A 554 16.62 9.67 2.28
N ASP A 555 17.21 9.46 1.11
CA ASP A 555 16.95 10.36 -0.01
C ASP A 555 15.50 10.27 -0.45
N SER A 556 14.92 9.06 -0.46
CA SER A 556 13.51 8.91 -0.80
C SER A 556 12.62 9.55 0.25
N ILE A 557 12.98 9.39 1.53
CA ILE A 557 12.25 10.04 2.61
C ILE A 557 12.27 11.55 2.43
N HIS A 558 13.45 12.10 2.11
CA HIS A 558 13.59 13.54 1.99
C HIS A 558 12.76 14.09 0.83
N SER A 559 12.77 13.40 -0.31
CA SER A 559 12.03 13.90 -1.46
C SER A 559 10.52 13.82 -1.23
N LEU A 560 10.06 12.81 -0.49
CA LEU A 560 8.64 12.70 -0.21
C LEU A 560 8.17 13.87 0.66
N PHE A 561 8.85 14.11 1.78
CA PHE A 561 8.43 15.19 2.66
C PHE A 561 8.73 16.56 2.07
N ASP A 562 9.61 16.62 1.07
CA ASP A 562 9.81 17.88 0.36
C ASP A 562 8.61 18.24 -0.50
N LYS A 563 8.01 17.24 -1.16
CA LYS A 563 6.85 17.45 -2.02
C LYS A 563 5.54 17.37 -1.27
N LEU A 564 5.55 16.87 -0.03
CA LEU A 564 4.32 16.74 0.74
C LEU A 564 3.57 18.06 0.91
N PRO A 565 4.20 19.19 1.24
CA PRO A 565 3.42 20.44 1.34
C PRO A 565 2.67 20.80 0.07
N LEU A 566 3.29 20.63 -1.09
CA LEU A 566 2.59 20.91 -2.35
C LEU A 566 1.51 19.86 -2.61
N MET A 567 1.79 18.60 -2.31
CA MET A 567 0.79 17.56 -2.51
C MET A 567 -0.44 17.81 -1.64
N ALA A 568 -0.21 18.13 -0.37
CA ALA A 568 -1.33 18.42 0.53
C ALA A 568 -2.09 19.66 0.10
N LEU A 569 -1.40 20.65 -0.47
CA LEU A 569 -2.06 21.86 -0.92
C LEU A 569 -3.01 21.57 -2.08
N ILE A 570 -2.53 20.85 -3.10
CA ILE A 570 -3.38 20.51 -4.24
C ILE A 570 -4.53 19.62 -3.79
N LEU A 571 -4.24 18.66 -2.91
CA LEU A 571 -5.27 17.76 -2.42
C LEU A 571 -6.39 18.51 -1.72
N ILE A 572 -6.04 19.47 -0.85
CA ILE A 572 -7.06 20.17 -0.08
C ILE A 572 -7.89 21.07 -0.99
N VAL A 573 -7.24 21.85 -1.84
CA VAL A 573 -7.97 22.83 -2.64
C VAL A 573 -8.86 22.14 -3.66
N THR A 574 -8.39 21.04 -4.27
CA THR A 574 -9.20 20.35 -5.26
C THR A 574 -10.46 19.78 -4.64
N THR A 575 -10.35 19.21 -3.43
CA THR A 575 -11.52 18.64 -2.78
C THR A 575 -12.46 19.72 -2.26
N THR A 576 -11.91 20.82 -1.74
CA THR A 576 -12.77 21.89 -1.21
C THR A 576 -13.60 22.53 -2.31
N VAL A 577 -13.01 22.78 -3.48
CA VAL A 577 -13.78 23.35 -4.57
C VAL A 577 -14.82 22.34 -5.07
N LEU A 578 -14.48 21.06 -5.07
CA LEU A 578 -15.47 20.04 -5.40
C LEU A 578 -16.60 20.02 -4.38
N MET A 579 -16.27 20.19 -3.10
CA MET A 579 -17.31 20.26 -2.08
C MET A 579 -18.14 21.53 -2.22
N PHE A 580 -17.50 22.64 -2.57
CA PHE A 580 -18.25 23.87 -2.82
C PHE A 580 -19.20 23.70 -4.01
N LEU A 581 -18.75 23.03 -5.07
CA LEU A 581 -19.64 22.70 -6.17
C LEU A 581 -20.77 21.78 -5.75
N ALA A 582 -20.57 21.00 -4.68
CA ALA A 582 -21.59 20.07 -4.20
C ALA A 582 -22.46 20.65 -3.09
N PHE A 583 -21.96 21.62 -2.32
CA PHE A 583 -22.69 22.17 -1.19
C PHE A 583 -23.29 23.55 -1.46
N GLY A 584 -22.68 24.32 -2.35
CA GLY A 584 -23.12 25.70 -2.52
C GLY A 584 -22.92 26.54 -1.28
N SER A 585 -21.84 26.29 -0.54
CA SER A 585 -21.53 27.03 0.66
C SER A 585 -20.02 27.28 0.70
N VAL A 586 -19.61 28.22 1.54
CA VAL A 586 -18.19 28.51 1.72
C VAL A 586 -17.76 28.00 3.09
N VAL A 587 -18.69 27.97 4.05
CA VAL A 587 -18.34 27.48 5.38
C VAL A 587 -18.31 25.96 5.40
N LEU A 588 -19.23 25.32 4.68
CA LEU A 588 -19.30 23.85 4.71
C LEU A 588 -18.07 23.18 4.14
N PRO A 589 -17.53 23.56 2.97
CA PRO A 589 -16.27 22.94 2.53
C PRO A 589 -15.12 23.19 3.50
N ILE A 590 -15.06 24.37 4.11
CA ILE A 590 -14.00 24.66 5.07
C ILE A 590 -14.17 23.79 6.31
N LYS A 591 -15.40 23.69 6.83
CA LYS A 591 -15.65 22.89 8.01
C LYS A 591 -15.32 21.42 7.75
N ALA A 592 -15.72 20.89 6.60
CA ALA A 592 -15.47 19.47 6.33
C ALA A 592 -13.98 19.21 6.11
N ALA A 593 -13.25 20.16 5.52
CA ALA A 593 -11.80 20.00 5.40
C ALA A 593 -11.15 19.91 6.77
N LEU A 594 -11.62 20.73 7.72
CA LEU A 594 -11.12 20.64 9.08
C LEU A 594 -11.46 19.29 9.70
N MET A 595 -12.67 18.79 9.45
CA MET A 595 -13.04 17.46 9.95
C MET A 595 -12.17 16.38 9.33
N SER A 596 -11.89 16.50 8.02
CA SER A 596 -11.01 15.55 7.34
C SER A 596 -9.61 15.59 7.94
N ALA A 597 -9.10 16.78 8.23
CA ALA A 597 -7.78 16.90 8.82
C ALA A 597 -7.72 16.27 10.20
N LEU A 598 -8.79 16.45 11.00
CA LEU A 598 -8.83 15.88 12.34
C LEU A 598 -8.79 14.35 12.29
N THR A 599 -9.59 13.75 11.40
CA THR A 599 -9.56 12.30 11.25
C THR A 599 -8.22 11.81 10.71
N LEU A 600 -7.65 12.54 9.76
CA LEU A 600 -6.35 12.16 9.21
C LEU A 600 -5.28 12.15 10.29
N GLY A 601 -5.24 13.20 11.12
CA GLY A 601 -4.25 13.25 12.18
C GLY A 601 -4.47 12.18 13.23
N SER A 602 -5.72 11.96 13.62
CA SER A 602 -6.03 11.00 14.68
C SER A 602 -5.65 9.57 14.27
N THR A 603 -6.01 9.17 13.04
CA THR A 603 -5.66 7.83 12.59
C THR A 603 -4.15 7.64 12.47
N MET A 604 -3.44 8.66 11.97
CA MET A 604 -1.99 8.56 11.85
C MET A 604 -1.32 8.41 13.22
N GLY A 605 -1.80 9.15 14.22
CA GLY A 605 -1.25 8.97 15.56
C GLY A 605 -1.52 7.58 16.09
N ILE A 606 -2.74 7.07 15.89
CA ILE A 606 -3.09 5.72 16.32
C ILE A 606 -2.24 4.70 15.57
N LEU A 607 -2.05 4.90 14.26
CA LEU A 607 -1.20 3.99 13.50
C LEU A 607 0.24 4.02 14.00
N THR A 608 0.77 5.22 14.27
CA THR A 608 2.11 5.30 14.83
C THR A 608 2.17 4.63 16.20
N TRP A 609 1.13 4.83 17.00
CA TRP A 609 1.04 4.19 18.32
C TRP A 609 1.05 2.67 18.20
N MET A 610 0.43 2.13 17.15
CA MET A 610 0.34 0.69 16.97
C MET A 610 1.58 0.08 16.33
N PHE A 611 2.07 0.70 15.25
CA PHE A 611 3.08 0.05 14.41
C PHE A 611 4.50 0.52 14.69
N VAL A 612 4.69 1.73 15.19
CA VAL A 612 6.01 2.14 15.66
C VAL A 612 6.20 1.77 17.13
N ASP A 613 5.28 2.20 17.99
CA ASP A 613 5.41 1.93 19.42
C ASP A 613 5.03 0.50 19.79
N GLY A 614 4.24 -0.18 18.96
CA GLY A 614 4.01 -1.60 19.12
C GLY A 614 2.76 -2.02 19.86
N HIS A 615 1.86 -1.08 20.17
CA HIS A 615 0.66 -1.43 20.94
C HIS A 615 -0.29 -2.22 20.05
N GLY A 616 -0.46 -3.50 20.39
CA GLY A 616 -1.22 -4.43 19.57
C GLY A 616 -0.37 -5.34 18.70
N SER A 617 0.96 -5.24 18.81
CA SER A 617 1.85 -6.05 17.96
C SER A 617 1.81 -7.52 18.34
N GLY A 618 1.78 -7.82 19.64
CA GLY A 618 1.75 -9.21 20.06
C GLY A 618 0.45 -9.90 19.69
N LEU A 619 -0.68 -9.20 19.83
CA LEU A 619 -1.97 -9.79 19.50
C LEU A 619 -2.08 -10.08 18.01
N MET A 620 -1.56 -9.17 17.17
CA MET A 620 -1.68 -9.30 15.72
C MET A 620 -0.44 -9.88 15.06
N ASN A 621 0.57 -10.26 15.84
CA ASN A 621 1.74 -10.97 15.34
C ASN A 621 2.48 -10.18 14.25
N TYR A 622 2.90 -8.98 14.63
CA TYR A 622 3.76 -8.17 13.77
C TYR A 622 4.80 -7.48 14.64
N THR A 623 5.90 -7.09 14.01
CA THR A 623 7.01 -6.48 14.72
C THR A 623 6.90 -4.97 14.66
N PRO A 624 6.87 -4.27 15.79
CA PRO A 624 6.93 -2.80 15.74
C PRO A 624 8.26 -2.34 15.16
N GLN A 625 8.21 -1.32 14.31
CA GLN A 625 9.36 -0.88 13.55
C GLN A 625 9.07 0.45 12.87
N PRO A 626 10.08 1.13 12.32
CA PRO A 626 9.79 2.35 11.55
C PRO A 626 8.90 2.04 10.35
N LEU A 627 8.12 3.05 9.95
CA LEU A 627 7.19 2.91 8.85
C LEU A 627 7.91 3.15 7.52
N MET A 628 7.23 2.76 6.44
CA MET A 628 7.70 3.04 5.09
C MET A 628 7.17 4.40 4.66
N ALA A 629 8.08 5.32 4.31
CA ALA A 629 7.69 6.71 4.07
C ALA A 629 6.70 6.87 2.92
N PRO A 630 6.87 6.22 1.75
CA PRO A 630 5.85 6.40 0.69
C PRO A 630 4.46 5.94 1.10
N MET A 631 4.34 5.09 2.12
CA MET A 631 3.02 4.68 2.58
C MET A 631 2.29 5.81 3.29
N ILE A 632 3.00 6.72 3.95
CA ILE A 632 2.30 7.82 4.60
C ILE A 632 1.66 8.73 3.56
N GLY A 633 2.34 8.93 2.42
CA GLY A 633 1.72 9.68 1.34
C GLY A 633 0.50 8.98 0.79
N LEU A 634 0.59 7.66 0.61
CA LEU A 634 -0.57 6.91 0.14
C LEU A 634 -1.71 6.97 1.16
N ILE A 635 -1.40 6.77 2.44
CA ILE A 635 -2.44 6.74 3.46
C ILE A 635 -3.08 8.11 3.62
N ILE A 636 -2.31 9.19 3.41
CA ILE A 636 -2.89 10.53 3.46
C ILE A 636 -3.94 10.71 2.37
N ALA A 637 -3.60 10.32 1.14
CA ALA A 637 -4.53 10.49 0.02
C ALA A 637 -5.78 9.63 0.19
N VAL A 638 -5.60 8.39 0.65
CA VAL A 638 -6.74 7.48 0.77
C VAL A 638 -7.68 7.92 1.88
N ILE A 639 -7.13 8.26 3.04
CA ILE A 639 -7.98 8.67 4.16
C ILE A 639 -8.68 9.98 3.85
N TRP A 640 -7.98 10.92 3.21
CA TRP A 640 -8.63 12.17 2.81
C TRP A 640 -9.76 11.91 1.82
N GLY A 641 -9.53 11.03 0.84
CA GLY A 641 -10.57 10.74 -0.13
C GLY A 641 -11.78 10.07 0.50
N LEU A 642 -11.54 9.11 1.39
CA LEU A 642 -12.64 8.40 2.04
C LEU A 642 -13.48 9.34 2.89
N SER A 643 -12.82 10.18 3.69
CA SER A 643 -13.54 11.10 4.56
C SER A 643 -14.30 12.15 3.75
N THR A 644 -13.70 12.66 2.67
CA THR A 644 -14.40 13.61 1.82
C THR A 644 -15.62 12.96 1.18
N ASP A 645 -15.48 11.71 0.75
CA ASP A 645 -16.58 11.01 0.09
C ASP A 645 -17.80 10.88 1.00
N TYR A 646 -17.58 10.48 2.26
CA TYR A 646 -18.68 10.30 3.19
C TYR A 646 -19.28 11.63 3.59
N GLU A 647 -18.45 12.65 3.79
CA GLU A 647 -18.96 13.97 4.17
C GLU A 647 -19.80 14.58 3.05
N VAL A 648 -19.39 14.37 1.79
CA VAL A 648 -20.12 14.94 0.67
C VAL A 648 -21.52 14.35 0.58
N PHE A 649 -21.63 13.02 0.73
CA PHE A 649 -22.92 12.37 0.63
C PHE A 649 -23.86 12.79 1.77
N LEU A 650 -23.34 12.85 2.99
CA LEU A 650 -24.18 13.20 4.14
C LEU A 650 -24.61 14.66 4.09
N VAL A 651 -23.64 15.57 4.09
CA VAL A 651 -23.95 16.99 4.21
C VAL A 651 -24.75 17.48 3.02
N SER A 652 -24.64 16.81 1.86
CA SER A 652 -25.52 17.13 0.75
C SER A 652 -26.99 16.99 1.16
N ARG A 653 -27.40 15.78 1.55
CA ARG A 653 -28.78 15.54 1.93
C ARG A 653 -29.30 16.56 2.93
N MET A 654 -28.41 17.16 3.73
CA MET A 654 -28.80 18.30 4.57
C MET A 654 -29.01 19.54 3.72
N VAL A 655 -28.09 19.82 2.77
CA VAL A 655 -28.24 20.97 1.90
C VAL A 655 -29.48 20.83 1.02
N GLU A 656 -29.71 19.63 0.48
CA GLU A 656 -30.88 19.40 -0.35
C GLU A 656 -32.17 19.65 0.43
N ALA A 657 -32.18 19.28 1.71
CA ALA A 657 -33.34 19.56 2.56
C ALA A 657 -33.48 21.04 2.89
N ARG A 658 -32.35 21.76 2.97
CA ARG A 658 -32.39 23.18 3.28
C ARG A 658 -32.84 24.02 2.09
N GLU A 659 -32.42 23.64 0.88
CA GLU A 659 -32.74 24.44 -0.30
C GLU A 659 -34.24 24.41 -0.62
N ARG A 660 -34.92 23.34 -0.24
CA ARG A 660 -36.36 23.23 -0.49
C ARG A 660 -37.20 23.85 0.63
N GLY A 661 -36.57 24.39 1.66
CA GLY A 661 -37.28 25.05 2.74
C GLY A 661 -37.44 24.18 3.96
N MET A 662 -36.59 24.41 4.97
CA MET A 662 -36.62 23.64 6.20
C MET A 662 -35.71 24.32 7.21
N SER A 663 -35.95 24.02 8.48
CA SER A 663 -35.11 24.56 9.54
C SER A 663 -33.73 23.91 9.48
N THR A 664 -32.73 24.65 9.98
CA THR A 664 -31.38 24.08 10.02
C THR A 664 -31.35 22.82 10.88
N ALA A 665 -32.01 22.86 12.04
CA ALA A 665 -32.07 21.68 12.90
C ALA A 665 -32.79 20.52 12.22
N GLU A 666 -33.88 20.82 11.51
CA GLU A 666 -34.60 19.75 10.82
C GLU A 666 -33.79 19.20 9.65
N ALA A 667 -33.07 20.07 8.93
CA ALA A 667 -32.26 19.62 7.81
C ALA A 667 -31.16 18.67 8.26
N ILE A 668 -30.52 18.97 9.39
CA ILE A 668 -29.52 18.07 9.96
C ILE A 668 -30.15 16.73 10.34
N ARG A 669 -31.36 16.76 10.91
CA ARG A 669 -32.05 15.53 11.26
C ARG A 669 -32.49 14.75 10.02
N ILE A 670 -32.93 15.45 8.98
CA ILE A 670 -33.37 14.77 7.77
C ILE A 670 -32.19 14.12 7.05
N GLY A 671 -31.08 14.84 6.92
CA GLY A 671 -29.91 14.28 6.26
C GLY A 671 -29.38 13.05 6.96
N THR A 672 -29.30 13.09 8.30
CA THR A 672 -28.82 11.94 9.06
C THR A 672 -29.76 10.75 8.90
N ALA A 673 -31.07 10.98 9.00
CA ALA A 673 -32.03 9.88 8.86
C ALA A 673 -32.02 9.31 7.44
N THR A 674 -32.02 10.18 6.43
CA THR A 674 -32.17 9.71 5.06
C THR A 674 -30.94 8.99 4.53
N THR A 675 -29.77 9.23 5.11
CA THR A 675 -28.53 8.58 4.68
C THR A 675 -28.02 7.54 5.67
N GLY A 676 -28.70 7.36 6.81
CA GLY A 676 -28.17 6.50 7.85
C GLY A 676 -27.98 5.07 7.40
N ARG A 677 -28.98 4.51 6.70
CA ARG A 677 -28.89 3.11 6.29
C ARG A 677 -27.77 2.88 5.28
N LEU A 678 -27.61 3.80 4.32
CA LEU A 678 -26.63 3.60 3.25
C LEU A 678 -25.20 3.74 3.79
N ILE A 679 -24.94 4.78 4.59
CA ILE A 679 -23.60 5.00 5.10
C ILE A 679 -23.19 3.87 6.05
N THR A 680 -24.11 3.45 6.92
CA THR A 680 -23.83 2.34 7.84
C THR A 680 -23.55 1.06 7.07
N GLY A 681 -24.36 0.76 6.07
CA GLY A 681 -24.13 -0.44 5.27
C GLY A 681 -22.82 -0.38 4.50
N ALA A 682 -22.52 0.79 3.92
CA ALA A 682 -21.25 0.95 3.22
C ALA A 682 -20.08 0.77 4.19
N ALA A 683 -20.20 1.32 5.41
CA ALA A 683 -19.15 1.16 6.41
C ALA A 683 -18.95 -0.31 6.78
N LEU A 684 -20.05 -1.04 6.96
CA LEU A 684 -19.94 -2.47 7.28
C LEU A 684 -19.28 -3.22 6.14
N ILE A 685 -19.58 -2.86 4.90
CA ILE A 685 -18.96 -3.52 3.75
C ILE A 685 -17.46 -3.30 3.76
N LEU A 686 -17.04 -2.03 3.91
CA LEU A 686 -15.63 -1.71 3.85
C LEU A 686 -14.87 -2.31 5.04
N ALA A 687 -15.50 -2.36 6.20
CA ALA A 687 -14.86 -2.96 7.37
C ALA A 687 -14.55 -4.43 7.12
N VAL A 688 -15.47 -5.17 6.49
CA VAL A 688 -15.20 -6.57 6.16
C VAL A 688 -14.04 -6.66 5.19
N VAL A 689 -14.03 -5.82 4.15
CA VAL A 689 -12.99 -5.90 3.14
C VAL A 689 -11.64 -5.51 3.74
N ALA A 690 -11.59 -4.37 4.43
CA ALA A 690 -10.34 -3.95 5.06
C ALA A 690 -9.93 -4.90 6.19
N GLY A 691 -10.91 -5.40 6.96
CA GLY A 691 -10.61 -6.34 8.02
C GLY A 691 -9.99 -7.62 7.51
N ALA A 692 -10.29 -8.01 6.28
CA ALA A 692 -9.66 -9.19 5.70
C ALA A 692 -8.16 -8.95 5.49
N PHE A 693 -7.78 -7.73 5.13
CA PHE A 693 -6.40 -7.42 4.83
C PHE A 693 -5.56 -7.09 6.06
N VAL A 694 -6.18 -6.85 7.22
CA VAL A 694 -5.38 -6.66 8.43
C VAL A 694 -4.68 -7.95 8.84
N PHE A 695 -5.13 -9.09 8.31
CA PHE A 695 -4.51 -10.38 8.60
C PHE A 695 -3.36 -10.70 7.65
N SER A 696 -2.96 -9.76 6.80
CA SER A 696 -1.87 -9.97 5.87
C SER A 696 -0.56 -10.18 6.61
N ASP A 697 0.30 -11.02 6.04
CA ASP A 697 1.64 -11.24 6.60
C ASP A 697 2.56 -10.06 6.38
N LEU A 698 2.24 -9.18 5.43
CA LEU A 698 3.05 -8.01 5.15
C LEU A 698 2.62 -6.87 6.07
N VAL A 699 3.55 -6.38 6.90
CA VAL A 699 3.22 -5.35 7.87
C VAL A 699 2.75 -4.08 7.18
N MET A 700 3.24 -3.83 5.97
CA MET A 700 2.81 -2.66 5.20
C MET A 700 1.32 -2.72 4.89
N MET A 701 0.83 -3.89 4.49
CA MET A 701 -0.59 -4.05 4.21
C MET A 701 -1.42 -3.92 5.49
N LYS A 702 -0.92 -4.43 6.61
CA LYS A 702 -1.60 -4.24 7.89
C LYS A 702 -1.78 -2.77 8.20
N TYR A 703 -0.74 -1.98 7.98
CA TYR A 703 -0.79 -0.53 8.25
C TYR A 703 -1.87 0.13 7.40
N LEU A 704 -1.91 -0.19 6.10
CA LEU A 704 -2.90 0.43 5.22
C LEU A 704 -4.31 -0.03 5.56
N ALA A 705 -4.49 -1.31 5.84
CA ALA A 705 -5.82 -1.84 6.13
C ALA A 705 -6.35 -1.27 7.45
N PHE A 706 -5.50 -1.17 8.47
CA PHE A 706 -5.94 -0.62 9.75
C PHE A 706 -6.24 0.87 9.64
N GLY A 707 -5.40 1.61 8.90
CA GLY A 707 -5.69 3.02 8.71
C GLY A 707 -7.06 3.24 8.09
N LEU A 708 -7.43 2.39 7.13
CA LEU A 708 -8.77 2.43 6.56
C LEU A 708 -9.83 2.12 7.61
N LEU A 709 -9.59 1.08 8.42
CA LEU A 709 -10.58 0.69 9.43
C LEU A 709 -10.79 1.79 10.46
N ILE A 710 -9.71 2.41 10.94
CA ILE A 710 -9.83 3.46 11.96
C ILE A 710 -10.55 4.67 11.38
N ALA A 711 -10.14 5.11 10.19
CA ALA A 711 -10.77 6.28 9.59
C ALA A 711 -12.24 6.02 9.30
N LEU A 712 -12.57 4.80 8.90
CA LEU A 712 -13.96 4.44 8.64
C LEU A 712 -14.79 4.46 9.92
N LEU A 713 -14.27 3.86 10.99
CA LEU A 713 -15.00 3.85 12.26
C LEU A 713 -15.17 5.26 12.80
N LEU A 714 -14.14 6.11 12.67
CA LEU A 714 -14.26 7.48 13.14
C LEU A 714 -15.27 8.27 12.33
N ASP A 715 -15.18 8.19 11.00
CA ASP A 715 -16.06 8.97 10.14
C ASP A 715 -17.52 8.52 10.26
N ALA A 716 -17.75 7.20 10.37
CA ALA A 716 -19.11 6.69 10.38
C ALA A 716 -19.81 6.93 11.72
N THR A 717 -19.05 6.97 12.81
CA THR A 717 -19.64 7.10 14.13
C THR A 717 -19.30 8.42 14.80
N ILE A 718 -18.02 8.71 15.02
CA ILE A 718 -17.64 9.91 15.77
C ILE A 718 -17.96 11.17 14.96
N ILE A 719 -17.60 11.18 13.68
CA ILE A 719 -17.83 12.36 12.86
C ILE A 719 -19.30 12.48 12.48
N ARG A 720 -19.86 11.45 11.86
CA ARG A 720 -21.20 11.56 11.26
C ARG A 720 -22.27 11.79 12.32
N MET A 721 -22.22 11.03 13.42
CA MET A 721 -23.32 11.05 14.39
C MET A 721 -23.13 12.05 15.51
N PHE A 722 -21.90 12.47 15.80
CA PHE A 722 -21.67 13.38 16.92
C PHE A 722 -21.07 14.71 16.49
N LEU A 723 -19.94 14.72 15.79
CA LEU A 723 -19.24 15.96 15.53
C LEU A 723 -19.91 16.81 14.45
N VAL A 724 -20.43 16.17 13.40
CA VAL A 724 -21.09 16.89 12.32
C VAL A 724 -22.40 17.52 12.81
N PRO A 725 -23.35 16.76 13.38
CA PRO A 725 -24.60 17.41 13.82
C PRO A 725 -24.39 18.43 14.92
N ALA A 726 -23.46 18.20 15.84
CA ALA A 726 -23.22 19.16 16.91
C ALA A 726 -22.65 20.46 16.35
N VAL A 727 -21.53 20.38 15.65
CA VAL A 727 -20.84 21.58 15.16
C VAL A 727 -21.77 22.37 14.26
N MET A 728 -22.43 21.70 13.32
CA MET A 728 -23.32 22.38 12.37
C MET A 728 -24.41 23.17 13.08
N LYS A 729 -24.80 22.74 14.28
CA LYS A 729 -25.77 23.51 15.06
C LYS A 729 -25.15 24.78 15.63
N LEU A 730 -23.85 24.76 15.92
CA LEU A 730 -23.19 25.95 16.47
C LEU A 730 -23.19 27.09 15.45
N LEU A 731 -22.85 26.80 14.19
CA LEU A 731 -22.86 27.84 13.18
C LEU A 731 -24.27 28.21 12.73
N GLY A 732 -25.29 27.45 13.12
CA GLY A 732 -26.66 27.81 12.79
C GLY A 732 -26.89 27.86 11.30
N ASP A 733 -27.52 28.95 10.84
CA ASP A 733 -27.84 29.11 9.43
C ASP A 733 -26.65 29.62 8.61
N ASP A 734 -25.54 29.96 9.26
CA ASP A 734 -24.33 30.37 8.54
C ASP A 734 -23.67 29.21 7.81
N CYS A 735 -24.11 27.98 8.04
CA CYS A 735 -23.55 26.83 7.33
C CYS A 735 -23.76 26.96 5.83
N TRP A 736 -24.93 27.42 5.42
CA TRP A 736 -25.29 27.55 4.02
C TRP A 736 -24.83 28.86 3.40
N TRP A 737 -24.14 29.71 4.17
CA TRP A 737 -23.67 30.99 3.65
C TRP A 737 -22.74 30.77 2.46
N ALA A 738 -23.00 31.51 1.39
CA ALA A 738 -22.16 31.52 0.19
C ALA A 738 -22.47 32.76 -0.64
N PRO A 739 -21.46 33.54 -1.03
CA PRO A 739 -21.72 34.68 -1.91
C PRO A 739 -22.39 34.23 -3.20
N ARG A 740 -23.34 35.05 -3.67
CA ARG A 740 -24.17 34.64 -4.81
C ARG A 740 -23.38 34.63 -6.11
N TRP A 741 -22.38 35.50 -6.24
CA TRP A 741 -21.52 35.45 -7.42
C TRP A 741 -20.70 34.17 -7.47
N MET A 742 -20.61 33.44 -6.36
CA MET A 742 -20.01 32.11 -6.33
C MET A 742 -21.07 31.03 -6.49
N LYS A 743 -22.25 31.22 -5.90
CA LYS A 743 -23.34 30.27 -6.09
C LYS A 743 -23.83 30.26 -7.53
N ARG A 744 -23.68 31.38 -8.24
CA ARG A 744 -24.04 31.43 -9.65
C ARG A 744 -23.16 30.50 -10.48
N VAL A 745 -21.86 30.45 -10.18
CA VAL A 745 -20.97 29.52 -10.87
C VAL A 745 -21.36 28.09 -10.54
N GLN A 746 -21.74 27.83 -9.28
CA GLN A 746 -22.27 26.52 -8.94
C GLN A 746 -23.60 26.26 -9.61
N GLU A 747 -24.41 27.30 -9.81
CA GLU A 747 -25.71 27.13 -10.45
C GLU A 747 -25.58 26.90 -11.95
N LYS A 748 -24.65 27.61 -12.60
CA LYS A 748 -24.46 27.46 -14.04
C LYS A 748 -23.93 26.09 -14.43
N LEU A 749 -23.43 25.31 -13.46
CA LEU A 749 -22.96 23.95 -13.70
C LEU A 749 -23.81 22.92 -13.00
N GLY A 750 -24.15 23.14 -11.73
CA GLY A 750 -25.01 22.22 -11.00
C GLY A 750 -24.40 20.85 -10.77
N LEU A 751 -23.13 20.81 -10.37
CA LEU A 751 -22.47 19.54 -10.10
C LEU A 751 -22.92 18.95 -8.76
C13 A1L5O B . -20.03 6.78 -0.03
C15 A1L5O B . -21.03 8.44 -1.68
C17 A1L5O B . -21.30 6.03 -2.46
C20 A1L5O B . -13.60 5.78 -0.75
C21 A1L5O B . -12.49 6.61 -1.09
C01 A1L5O B . -10.01 7.03 -1.32
C02 A1L5O B . -11.20 6.13 -0.96
C03 A1L5O B . -10.98 4.83 -0.48
C04 A1L5O B . -12.06 4.02 -0.16
C05 A1L5O B . -11.83 2.60 0.36
C06 A1L5O B . -13.39 4.51 -0.29
C07 A1L5O B . -14.66 3.94 -0.05
C08 A1L5O B . -15.58 4.93 -0.39
C09 A1L5O B . -17.10 4.78 -0.29
C12 A1L5O B . -19.41 5.59 -0.77
C14 A1L5O B . -19.85 8.10 -0.77
C16 A1L5O B . -21.15 7.50 -2.88
C18 A1L5O B . -19.95 5.37 -2.18
N11 A1L5O B . -17.98 5.77 -0.87
N19 A1L5O B . -14.94 6.01 -0.80
O10 A1L5O B . -17.55 3.83 0.26
C1B LMT C . 27.29 -4.85 0.67
C2B LMT C . 27.33 -3.87 -0.53
C3B LMT C . 28.07 -4.50 -1.73
C4B LMT C . 29.43 -5.08 -1.29
C5B LMT C . 29.16 -6.03 -0.12
C6B LMT C . 30.47 -6.66 0.34
O1B LMT C . 26.37 -5.87 0.41
O2B LMT C . 26.03 -3.58 -0.86
O3B LMT C . 28.20 -3.61 -2.76
O4' LMT C . 30.03 -5.77 -2.33
O5B LMT C . 28.55 -5.36 0.97
O6B LMT C . 31.21 -5.74 1.03
C1' LMT C . 23.07 -7.78 1.88
C2' LMT C . 22.86 -6.27 1.67
C3' LMT C . 24.02 -5.71 0.81
C4' LMT C . 25.39 -6.12 1.39
C5' LMT C . 25.33 -7.65 1.64
C6' LMT C . 26.64 -8.26 2.09
O1' LMT C . 22.06 -8.31 2.63
O2' LMT C . 21.66 -6.08 1.00
O3' LMT C . 23.94 -4.34 0.71
O5' LMT C . 24.30 -7.97 2.55
O6' LMT C . 26.83 -7.88 3.39
C1 LMT C . 21.15 -9.08 1.88
C2 LMT C . 20.00 -9.38 2.79
C3 LMT C . 19.02 -8.28 3.04
C4 LMT C . 17.80 -8.88 3.67
C5 LMT C . 16.66 -8.87 2.71
C6 LMT C . 15.81 -7.64 2.86
C7 LMT C . 14.52 -7.84 2.13
C8 LMT C . 14.59 -7.12 0.83
C9 LMT C . 13.62 -7.61 -0.19
C10 LMT C . 12.86 -6.42 -0.68
C11 LMT C . 12.13 -6.72 -1.94
C12 LMT C . 10.65 -6.61 -1.76
C1B LMT D . 13.93 11.28 10.31
C2B LMT D . 14.55 10.14 9.48
C3B LMT D . 13.90 8.78 9.83
C4B LMT D . 13.95 8.56 11.36
C5B LMT D . 13.28 9.77 12.01
C6B LMT D . 13.24 9.60 13.53
O1B LMT D . 12.64 11.52 9.86
O2B LMT D . 14.36 10.43 8.15
O3B LMT D . 14.45 7.76 9.11
O4' LMT D . 13.24 7.42 11.72
O5B LMT D . 13.92 10.97 11.68
O6B LMT D . 14.50 9.74 14.04
C1' LMT D . 10.30 14.59 8.41
C2' LMT D . 11.72 14.50 7.79
C3' LMT D . 12.30 13.09 8.09
C4' LMT D . 12.30 12.86 9.61
C5' LMT D . 10.84 13.07 10.08
C6' LMT D . 10.63 12.76 11.53
O1' LMT D . 9.78 15.83 8.25
O2' LMT D . 11.63 14.66 6.44
O3' LMT D . 13.56 12.96 7.57
O5' LMT D . 10.41 14.37 9.80
O6' LMT D . 9.41 12.15 11.61
C1 LMT D . 8.44 15.97 8.64
C2 LMT D . 8.16 17.43 8.52
C3 LMT D . 7.21 17.84 7.43
C4 LMT D . 5.82 17.43 7.89
C5 LMT D . 4.80 17.99 6.96
C6 LMT D . 3.50 17.26 7.07
C7 LMT D . 2.46 17.94 6.22
C8 LMT D . 1.23 17.08 6.17
C9 LMT D . 0.06 17.72 5.49
C10 LMT D . -1.06 16.71 5.50
C11 LMT D . -2.39 17.39 5.38
C12 LMT D . -3.22 16.81 4.28
C1B LMT E . 42.76 0.73 2.24
C2B LMT E . 41.54 -0.22 2.24
C3B LMT E . 41.57 -1.13 1.01
C4B LMT E . 41.75 -0.30 -0.28
C5B LMT E . 43.00 0.59 -0.08
C6B LMT E . 43.26 1.42 -1.32
O1B LMT E . 43.93 0.02 2.48
O2B LMT E . 41.63 -0.96 3.40
O3B LMT E . 40.45 -1.93 0.96
O4' LMT E . 41.92 -1.13 -1.37
O5B LMT E . 42.87 1.42 1.03
O6B LMT E . 44.32 2.28 -1.10
C1' LMT E . 47.53 0.45 4.38
C2' LMT E . 46.39 1.20 5.03
C3' LMT E . 45.04 0.69 4.49
C4' LMT E . 45.03 0.76 2.96
C5' LMT E . 46.33 0.05 2.49
C6' LMT E . 46.47 -0.10 1.00
O1' LMT E . 48.69 0.97 4.88
O2' LMT E . 46.46 0.96 6.37
O3' LMT E . 44.02 1.46 5.01
O5' LMT E . 47.48 0.69 2.99
O6' LMT E . 46.61 1.17 0.52
C1 LMT E . 49.61 1.42 3.93
C2 LMT E . 50.74 0.46 4.07
C3 LMT E . 51.59 0.30 2.87
C4 LMT E . 52.00 1.68 2.45
C5 LMT E . 53.12 1.59 1.47
C6 LMT E . 52.63 1.27 0.09
C7 LMT E . 53.66 1.67 -0.92
C8 LMT E . 54.10 3.07 -0.63
C9 LMT E . 55.41 3.45 -1.24
C10 LMT E . 56.42 3.51 -0.13
C11 LMT E . 56.92 4.91 0.09
C12 LMT E . 57.45 5.51 -1.17
C1B LMT F . -31.09 4.44 9.75
C2B LMT F . -32.05 5.63 9.60
C3B LMT F . -33.22 5.52 10.61
C4B LMT F . -33.89 4.12 10.52
C5B LMT F . -32.77 3.07 10.65
C6B LMT F . -33.37 1.67 10.59
O1B LMT F . -30.43 4.55 10.97
O2B LMT F . -31.33 6.78 9.81
O3B LMT F . -34.12 6.54 10.47
O4' LMT F . -34.78 3.96 11.55
O5B LMT F . -31.77 3.22 9.67
O6B LMT F . -32.39 0.72 10.72
C1' LMT F . -26.63 4.37 12.60
C2' LMT F . -26.98 5.71 11.90
C3' LMT F . -28.52 5.79 11.68
C4' LMT F . -29.02 4.52 10.96
C5' LMT F . -28.53 3.35 11.83
C6' LMT F . -29.08 1.99 11.43
O1' LMT F . -25.27 4.20 12.65
O2' LMT F . -26.58 6.74 12.72
O3' LMT F . -28.84 6.89 10.94
O5' LMT F . -27.14 3.30 11.83
O6' LMT F . -28.42 1.66 10.28
C1 LMT F . -24.85 3.21 13.55
C2 LMT F . -23.35 3.20 13.47
C3 LMT F . -22.75 2.68 12.20
C4 LMT F . -21.38 2.17 12.53
C5 LMT F . -20.67 1.71 11.30
C6 LMT F . -19.19 1.79 11.44
C7 LMT F . -18.57 0.48 11.07
C8 LMT F . -17.28 0.32 11.83
C9 LMT F . -16.66 -1.03 11.74
C10 LMT F . -17.72 -2.04 12.12
C11 LMT F . -18.02 -2.01 13.59
C12 LMT F . -19.24 -2.80 13.93
C1B LMT G . 37.31 -18.07 -2.31
C2B LMT G . 38.79 -18.33 -1.99
C3B LMT G . 39.05 -19.83 -1.78
C4B LMT G . 38.42 -20.71 -2.91
C5B LMT G . 36.99 -20.21 -3.23
C6B LMT G . 35.98 -20.68 -2.18
O1B LMT G . 37.11 -16.71 -2.55
O2B LMT G . 39.53 -17.84 -3.05
O3B LMT G . 38.71 -20.24 -0.51
O4' LMT G . 39.20 -20.68 -4.04
O5B LMT G . 36.92 -18.82 -3.42
O6B LMT G . 34.77 -20.98 -2.78
C1' LMT G . 34.11 -15.60 0.10
C2' LMT G . 33.60 -16.50 -1.04
C3' LMT G . 34.80 -17.14 -1.81
C4' LMT G . 35.88 -16.09 -2.16
C5' LMT G . 36.15 -15.28 -0.87
C6' LMT G . 37.26 -14.27 -0.99
O1' LMT G . 33.07 -14.92 0.68
O2' LMT G . 32.84 -17.49 -0.49
O3' LMT G . 34.34 -17.72 -2.96
O5' LMT G . 34.98 -14.62 -0.45
O6' LMT G . 37.24 -13.84 -2.30
C1 LMT G . 32.38 -14.04 -0.17
C2 LMT G . 30.93 -14.42 -0.03
C3 LMT G . 30.39 -14.46 1.37
C4 LMT G . 28.90 -14.34 1.25
C5 LMT G . 28.36 -13.64 2.44
C6 LMT G . 27.54 -12.46 2.06
C7 LMT G . 26.10 -12.83 2.08
C8 LMT G . 25.48 -12.26 3.31
C9 LMT G . 24.27 -11.44 3.01
C10 LMT G . 23.09 -12.29 3.34
C11 LMT G . 22.74 -12.17 4.79
C12 LMT G . 21.43 -11.49 4.97
C1B LMT H . 13.55 18.09 9.91
C2B LMT H . 13.92 18.31 8.43
C3B LMT H . 15.38 17.87 8.15
C4B LMT H . 15.63 16.39 8.58
C5B LMT H . 14.73 16.06 9.79
C6B LMT H . 15.38 14.99 10.65
O1B LMT H . 12.23 17.64 10.00
O2B LMT H . 13.02 17.62 7.66
O3B LMT H . 16.30 18.73 8.69
O4' LMT H . 15.35 15.53 7.54
O5B LMT H . 14.41 17.20 10.54
O6B LMT H . 16.55 14.57 10.09
C1' LMT H . 11.97 17.44 13.47
C2' LMT H . 11.23 16.49 12.50
C3' LMT H . 10.41 17.33 11.49
C4' LMT H . 11.30 18.35 10.78
C5' LMT H . 12.02 19.14 11.90
C6' LMT H . 11.93 20.64 11.77
O1' LMT H . 11.60 17.20 14.77
O2' LMT H . 12.16 15.75 11.82
O3' LMT H . 9.37 17.96 12.11
O5' LMT H . 11.56 18.77 13.18
O6' LMT H . 12.35 21.16 12.97
C1 LMT H . 11.58 15.85 15.17
C2 LMT H . 10.28 15.69 15.91
C3 LMT H . 9.32 14.68 15.37
C4 LMT H . 8.39 15.39 14.41
C5 LMT H . 7.44 14.42 13.79
C6 LMT H . 6.94 14.88 12.47
C7 LMT H . 5.93 13.89 11.94
C8 LMT H . 5.33 14.44 10.68
C9 LMT H . 3.97 13.92 10.38
C10 LMT H . 3.75 14.03 8.89
C11 LMT H . 2.58 13.21 8.45
C12 LMT H . 1.31 13.99 8.46
#